data_4BJH
#
_entry.id   4BJH
#
_cell.length_a   157.152
_cell.length_b   157.152
_cell.length_c   233.244
_cell.angle_alpha   90.00
_cell.angle_beta   90.00
_cell.angle_gamma   120.00
#
_symmetry.space_group_name_H-M   'H 3 2'
#
loop_
_entity.id
_entity.type
_entity.pdbx_description
1 polymer DIHYDROOROTASE
2 polymer 'ASPARTATE CARBAMOYLTRANSFERASE'
3 non-polymer 'ZINC ION'
4 non-polymer '(4S)-2,6-DIOXOHEXAHYDROPYRIMIDINE-4-CARBOXYLIC ACID'
5 non-polymer 'N-(PHOSPHONACETYL)-L-ASPARTIC ACID'
6 non-polymer 'PHOSPHATE ION'
7 non-polymer 'BARIUM ION'
8 non-polymer 1,2-ETHANEDIOL
9 water water
#
loop_
_entity_poly.entity_id
_entity_poly.type
_entity_poly.pdbx_seq_one_letter_code
_entity_poly.pdbx_strand_id
1 'polypeptide(L)'
;MRGSHHHHHHGMASMTGGQQMGRDLYDDDDKDRWMLKLIVKNGYVIDPSQNLEGEFDILVENGKIKKIDKNILVPEAEII
DAKGLIVCPGFIDIHVHLRDPGQTYKEDIESGSRCAVAGGFTTIVCMPNTNPPIDNTTVVNYILQKSKSVGLCRVLPTGT
ITKGRKGKEIADFYSLKEAGCVAFTDDGSPVMDSSVMRKALELASQLGVPIMDACEDDKLAYGVINEGEVSALLGLSSRA
PEAEEIQIARDGILAQRTGGHVHIQAVSTKLSLEIIEFFKEKGVKITCEVNPNHLLFTEREVLNSGANARVNPPLRKKED
RLALIEGVKRGIIDCFATDHAPHQTFEKELVEFAMPGIIGLQTALPSALELYRKGIISLKKLIEMFTINPARIIGVDLGT
LKLGSPADITIFDPNKEWILNEETNLSKSRNTPLWGKVLKGKVIYTIKDGKMVYKD
;
A
2 'polypeptide(L)'
;MRGSHHHHHHGMASMTGGQQMGRDLYDDDDKMRSLISSLDLTREEVEEILKYAKEFKEGKEETIKASAVLFFSEPSTRTR
LSFEKAARELGIETYLVSGSESSTVKGESFFDTLKTFEGLGFDYVVFRVPFVFFPYKEIVKSLNLRLVNAGDGTHQHPSQ
GLIDFFTIKEHFGEVKDLRVLYVGDIKHSRVFRSGAPLLNMFGAKIGVCGPKTLIPRDVEVFKVDVFDDVDKGIDWADVV
IWLRLQKERQKENYIPSESSYFKQFGLTKERFEKVKLYMHPGPVNRNVDIDHELVYTEKSLIQEQVKNGIPVRKAIYKFL
WT
;
B
#
loop_
_chem_comp.id
_chem_comp.type
_chem_comp.name
_chem_comp.formula
BA non-polymer 'BARIUM ION' 'Ba 2'
DOR non-polymer '(4S)-2,6-DIOXOHEXAHYDROPYRIMIDINE-4-CARBOXYLIC ACID' 'C5 H6 N2 O4'
EDO non-polymer 1,2-ETHANEDIOL 'C2 H6 O2'
PAL non-polymer 'N-(PHOSPHONACETYL)-L-ASPARTIC ACID' 'C6 H10 N O8 P'
PO4 non-polymer 'PHOSPHATE ION' 'O4 P -3'
ZN non-polymer 'ZINC ION' 'Zn 2'
#
# COMPACT_ATOMS: atom_id res chain seq x y z
N MET A 35 -21.47 -23.22 -34.86
CA MET A 35 -20.20 -23.69 -34.24
C MET A 35 -20.07 -25.24 -34.28
N LEU A 36 -19.65 -25.74 -35.45
CA LEU A 36 -19.03 -27.06 -35.53
C LEU A 36 -17.53 -26.77 -35.71
N LYS A 37 -17.21 -25.82 -36.59
CA LYS A 37 -15.83 -25.60 -37.08
C LYS A 37 -15.35 -24.14 -37.10
N LEU A 38 -14.16 -23.91 -36.55
CA LEU A 38 -13.51 -22.59 -36.55
C LEU A 38 -12.04 -22.71 -36.95
N ILE A 39 -11.55 -21.72 -37.69
CA ILE A 39 -10.11 -21.67 -38.01
C ILE A 39 -9.49 -20.33 -37.63
N VAL A 40 -8.42 -20.39 -36.86
CA VAL A 40 -7.61 -19.22 -36.53
C VAL A 40 -6.41 -19.15 -37.48
N LYS A 41 -6.50 -18.27 -38.48
CA LYS A 41 -5.58 -18.26 -39.62
C LYS A 41 -4.44 -17.25 -39.51
N ASN A 42 -3.24 -17.66 -39.93
CA ASN A 42 -2.17 -16.68 -40.27
C ASN A 42 -1.50 -15.98 -39.09
N GLY A 43 -1.83 -16.43 -37.88
CA GLY A 43 -1.22 -15.89 -36.67
C GLY A 43 0.08 -16.58 -36.32
N TYR A 44 0.85 -15.94 -35.45
CA TYR A 44 2.07 -16.55 -34.93
C TYR A 44 1.71 -17.31 -33.65
N VAL A 45 1.60 -18.63 -33.79
CA VAL A 45 1.21 -19.53 -32.72
C VAL A 45 2.40 -19.80 -31.80
N ILE A 46 2.14 -19.76 -30.49
CA ILE A 46 3.12 -20.15 -29.49
C ILE A 46 2.45 -21.03 -28.45
N ASP A 47 2.85 -22.30 -28.38
CA ASP A 47 2.34 -23.20 -27.36
C ASP A 47 3.48 -23.86 -26.57
N PRO A 48 3.95 -23.18 -25.51
CA PRO A 48 5.13 -23.63 -24.80
C PRO A 48 4.99 -25.02 -24.22
N SER A 49 3.78 -25.42 -23.86
CA SER A 49 3.55 -26.76 -23.32
C SER A 49 4.02 -27.87 -24.26
N GLN A 50 4.04 -27.57 -25.55
CA GLN A 50 4.38 -28.54 -26.61
C GLN A 50 5.68 -28.19 -27.34
N ASN A 51 6.38 -27.17 -26.83
CA ASN A 51 7.54 -26.59 -27.50
C ASN A 51 7.19 -26.24 -28.96
N LEU A 52 5.96 -25.77 -29.14
CA LEU A 52 5.38 -25.49 -30.47
C LEU A 52 5.31 -24.00 -30.76
N GLU A 53 6.02 -23.59 -31.79
CA GLU A 53 5.87 -22.22 -32.30
C GLU A 53 6.18 -22.11 -33.76
N GLY A 54 5.52 -21.12 -34.37
CA GLY A 54 5.67 -20.79 -35.79
C GLY A 54 4.36 -20.22 -36.30
N GLU A 55 4.32 -19.91 -37.59
CA GLU A 55 3.08 -19.51 -38.26
C GLU A 55 2.27 -20.73 -38.64
N PHE A 56 1.25 -21.02 -37.82
CA PHE A 56 0.36 -22.14 -38.06
C PHE A 56 -1.08 -21.65 -37.94
N ASP A 57 -1.99 -22.37 -38.60
CA ASP A 57 -3.43 -22.19 -38.40
C ASP A 57 -3.91 -23.19 -37.34
N ILE A 58 -5.03 -22.87 -36.70
CA ILE A 58 -5.63 -23.80 -35.74
C ILE A 58 -7.06 -24.09 -36.15
N LEU A 59 -7.38 -25.38 -36.27
CA LEU A 59 -8.76 -25.80 -36.51
C LEU A 59 -9.39 -26.19 -35.20
N VAL A 60 -10.59 -25.68 -34.96
CA VAL A 60 -11.34 -26.01 -33.76
C VAL A 60 -12.61 -26.77 -34.14
N GLU A 61 -12.85 -27.90 -33.50
CA GLU A 61 -14.07 -28.66 -33.74
C GLU A 61 -14.77 -29.02 -32.44
N ASN A 62 -16.02 -28.55 -32.30
CA ASN A 62 -16.87 -28.75 -31.11
C ASN A 62 -16.22 -28.26 -29.80
N GLY A 63 -15.70 -27.04 -29.83
CA GLY A 63 -15.07 -26.41 -28.67
C GLY A 63 -13.67 -26.93 -28.36
N LYS A 64 -13.15 -27.81 -29.21
CA LYS A 64 -11.86 -28.48 -28.95
C LYS A 64 -10.82 -28.26 -30.07
N ILE A 65 -9.54 -28.32 -29.70
CA ILE A 65 -8.44 -28.22 -30.66
C ILE A 65 -8.38 -29.51 -31.51
N LYS A 66 -8.56 -29.37 -32.82
CA LYS A 66 -8.60 -30.51 -33.77
C LYS A 66 -7.30 -30.74 -34.55
N LYS A 67 -6.74 -29.67 -35.13
CA LYS A 67 -5.46 -29.74 -35.84
C LYS A 67 -4.70 -28.40 -35.83
N ILE A 68 -3.38 -28.47 -35.83
CA ILE A 68 -2.53 -27.29 -35.95
C ILE A 68 -1.53 -27.48 -37.09
N ASP A 69 -1.68 -26.69 -38.16
CA ASP A 69 -0.96 -26.92 -39.42
C ASP A 69 -0.94 -25.68 -40.31
N LYS A 70 0.02 -25.66 -41.25
CA LYS A 70 0.12 -24.63 -42.28
C LYS A 70 -1.13 -24.64 -43.16
N ASN A 71 -1.62 -23.44 -43.49
CA ASN A 71 -2.79 -23.24 -44.38
C ASN A 71 -3.84 -24.36 -44.42
N ILE A 72 -4.60 -24.47 -43.32
CA ILE A 72 -5.76 -25.35 -43.21
C ILE A 72 -6.96 -24.65 -43.86
N LEU A 73 -7.76 -25.43 -44.59
CA LEU A 73 -8.98 -24.92 -45.21
C LEU A 73 -10.07 -25.98 -45.12
N VAL A 74 -11.22 -25.59 -44.61
CA VAL A 74 -12.35 -26.53 -44.47
C VAL A 74 -13.66 -25.89 -44.93
N PRO A 75 -14.56 -26.70 -45.55
CA PRO A 75 -15.86 -26.25 -46.05
C PRO A 75 -16.82 -25.76 -44.94
N GLU A 76 -17.34 -24.56 -45.15
CA GLU A 76 -18.25 -23.85 -44.22
C GLU A 76 -17.69 -23.64 -42.81
N ALA A 77 -16.52 -23.04 -42.73
CA ALA A 77 -15.89 -22.77 -41.44
C ALA A 77 -15.97 -21.30 -41.06
N GLU A 78 -16.11 -21.05 -39.78
CA GLU A 78 -15.91 -19.71 -39.24
C GLU A 78 -14.41 -19.39 -39.32
N ILE A 79 -14.11 -18.16 -39.69
CA ILE A 79 -12.73 -17.69 -39.78
C ILE A 79 -12.55 -16.39 -38.99
N ILE A 80 -11.50 -16.38 -38.18
CA ILE A 80 -10.97 -15.17 -37.61
C ILE A 80 -9.54 -15.09 -38.10
N ASP A 81 -9.16 -13.93 -38.59
CA ASP A 81 -7.86 -13.71 -39.17
C ASP A 81 -6.90 -13.16 -38.17
N ALA A 82 -5.86 -13.90 -37.87
CA ALA A 82 -4.92 -13.52 -36.85
C ALA A 82 -3.65 -13.01 -37.41
N LYS A 83 -3.69 -12.55 -38.65
CA LYS A 83 -2.50 -12.12 -39.36
C LYS A 83 -1.82 -11.01 -38.59
N GLY A 84 -0.51 -11.14 -38.37
CA GLY A 84 0.27 -10.13 -37.63
C GLY A 84 0.12 -10.18 -36.10
N LEU A 85 -0.60 -11.20 -35.61
CA LEU A 85 -0.91 -11.30 -34.19
C LEU A 85 -0.34 -12.55 -33.52
N ILE A 86 -0.30 -12.54 -32.19
CA ILE A 86 0.22 -13.69 -31.47
C ILE A 86 -0.97 -14.54 -31.01
N VAL A 87 -0.87 -15.84 -31.28
CA VAL A 87 -1.89 -16.83 -30.95
C VAL A 87 -1.25 -17.81 -29.96
N CYS A 88 -1.91 -17.99 -28.80
CA CYS A 88 -1.43 -18.82 -27.68
C CYS A 88 -2.62 -19.32 -26.86
N PRO A 89 -2.37 -20.27 -25.93
CA PRO A 89 -3.47 -20.73 -25.07
C PRO A 89 -4.09 -19.59 -24.28
N GLY A 90 -5.37 -19.72 -23.93
CA GLY A 90 -6.01 -18.74 -23.09
C GLY A 90 -5.21 -18.60 -21.80
N PHE A 91 -5.06 -17.36 -21.32
CA PHE A 91 -4.40 -17.10 -20.05
C PHE A 91 -5.28 -17.57 -18.86
N ILE A 92 -4.60 -17.99 -17.81
CA ILE A 92 -5.22 -18.47 -16.60
C ILE A 92 -4.70 -17.57 -15.47
N ASP A 93 -5.60 -16.93 -14.73
CA ASP A 93 -5.17 -16.10 -13.57
C ASP A 93 -5.65 -16.79 -12.33
N ILE A 94 -4.71 -17.30 -11.55
CA ILE A 94 -5.06 -18.06 -10.34
C ILE A 94 -5.23 -17.20 -9.10
N HIS A 95 -5.41 -15.87 -9.27
CA HIS A 95 -5.64 -15.00 -8.12
C HIS A 95 -6.54 -13.81 -8.46
N VAL A 96 -7.85 -13.97 -8.33
CA VAL A 96 -8.79 -12.89 -8.72
C VAL A 96 -9.83 -12.71 -7.62
N HIS A 97 -10.15 -11.45 -7.30
CA HIS A 97 -11.26 -11.14 -6.42
C HIS A 97 -12.48 -10.72 -7.23
N LEU A 98 -13.52 -11.55 -7.22
CA LEU A 98 -14.73 -11.20 -7.95
C LEU A 98 -15.75 -10.46 -7.09
N ARG A 99 -15.54 -10.43 -5.78
CA ARG A 99 -16.40 -9.66 -4.87
C ARG A 99 -17.84 -10.14 -4.85
N ASP A 100 -18.04 -11.39 -5.26
CA ASP A 100 -19.36 -11.88 -5.52
C ASP A 100 -19.42 -13.27 -4.93
N PRO A 101 -20.25 -13.49 -3.89
CA PRO A 101 -21.26 -12.59 -3.30
C PRO A 101 -20.74 -11.48 -2.38
N GLY A 102 -21.52 -10.42 -2.25
CA GLY A 102 -21.51 -9.62 -1.02
C GLY A 102 -20.91 -8.25 -1.12
N GLN A 103 -20.13 -8.04 -2.19
CA GLN A 103 -19.45 -6.75 -2.39
C GLN A 103 -19.55 -6.37 -3.87
N THR A 104 -20.70 -6.66 -4.45
CA THR A 104 -20.89 -6.57 -5.93
C THR A 104 -20.89 -5.13 -6.47
N TYR A 105 -20.97 -4.15 -5.57
CA TYR A 105 -20.74 -2.77 -5.98
C TYR A 105 -19.28 -2.54 -6.38
N LYS A 106 -18.36 -3.39 -5.90
CA LYS A 106 -16.92 -3.32 -6.29
C LYS A 106 -16.63 -3.92 -7.68
N GLU A 107 -17.41 -4.95 -8.00
CA GLU A 107 -17.16 -5.91 -9.08
C GLU A 107 -18.16 -7.03 -8.82
N ASP A 108 -18.49 -7.82 -9.84
CA ASP A 108 -19.24 -9.07 -9.63
C ASP A 108 -18.74 -10.11 -10.63
N ILE A 109 -19.34 -11.30 -10.63
CA ILE A 109 -18.89 -12.36 -11.52
C ILE A 109 -18.96 -11.89 -12.98
N GLU A 110 -20.01 -11.15 -13.34
CA GLU A 110 -20.12 -10.67 -14.72
C GLU A 110 -19.03 -9.64 -15.07
N SER A 111 -18.90 -8.61 -14.24
CA SER A 111 -17.95 -7.54 -14.56
C SER A 111 -16.53 -8.07 -14.51
N GLY A 112 -16.20 -8.90 -13.51
CA GLY A 112 -14.88 -9.53 -13.43
C GLY A 112 -14.56 -10.46 -14.61
N SER A 113 -15.54 -11.24 -15.05
CA SER A 113 -15.40 -12.11 -16.25
C SER A 113 -15.16 -11.34 -17.53
N ARG A 114 -15.75 -10.15 -17.64
CA ARG A 114 -15.55 -9.31 -18.82
C ARG A 114 -14.14 -8.72 -18.81
N CYS A 115 -13.71 -8.26 -17.65
CA CYS A 115 -12.33 -7.88 -17.42
C CYS A 115 -11.38 -9.01 -17.76
N ALA A 116 -11.71 -10.21 -17.31
CA ALA A 116 -10.83 -11.34 -17.50
C ALA A 116 -10.61 -11.52 -19.00
N VAL A 117 -11.71 -11.73 -19.72
CA VAL A 117 -11.63 -12.04 -21.15
C VAL A 117 -11.03 -10.89 -21.98
N ALA A 118 -11.36 -9.64 -21.60
CA ALA A 118 -10.75 -8.44 -22.21
C ALA A 118 -9.26 -8.37 -21.96
N GLY A 119 -8.80 -9.05 -20.91
CA GLY A 119 -7.40 -9.10 -20.60
C GLY A 119 -6.70 -10.34 -21.16
N GLY A 120 -7.43 -11.19 -21.90
CA GLY A 120 -6.91 -12.48 -22.42
C GLY A 120 -7.10 -13.74 -21.58
N PHE A 121 -7.82 -13.63 -20.46
CA PHE A 121 -8.02 -14.77 -19.55
C PHE A 121 -9.27 -15.56 -19.88
N THR A 122 -9.11 -16.84 -20.16
CA THR A 122 -10.26 -17.76 -20.33
C THR A 122 -10.58 -18.56 -19.05
N THR A 123 -9.69 -18.51 -18.06
CA THR A 123 -9.85 -19.15 -16.77
C THR A 123 -9.32 -18.24 -15.65
N ILE A 124 -10.12 -18.09 -14.61
CA ILE A 124 -9.71 -17.36 -13.42
C ILE A 124 -10.06 -18.19 -12.19
N VAL A 125 -9.24 -18.06 -11.16
CA VAL A 125 -9.54 -18.67 -9.90
C VAL A 125 -9.99 -17.54 -8.97
N CYS A 126 -11.21 -17.65 -8.44
CA CYS A 126 -11.69 -16.60 -7.53
C CYS A 126 -11.37 -16.92 -6.06
N MET A 127 -11.06 -15.86 -5.32
CA MET A 127 -10.64 -15.96 -3.93
C MET A 127 -11.89 -16.05 -3.07
N PRO A 128 -11.75 -16.54 -1.82
CA PRO A 128 -12.90 -16.91 -1.02
C PRO A 128 -13.29 -15.89 0.01
N ASN A 129 -12.63 -14.72 -0.01
CA ASN A 129 -12.97 -13.61 0.92
C ASN A 129 -14.21 -12.81 0.48
N THR A 130 -15.22 -13.53 0.01
CA THR A 130 -16.47 -12.94 -0.31
C THR A 130 -17.33 -12.83 0.95
N ASN A 131 -18.55 -12.38 0.78
CA ASN A 131 -19.45 -12.30 1.92
C ASN A 131 -20.83 -12.77 1.54
N PRO A 132 -21.22 -13.97 1.97
CA PRO A 132 -20.46 -14.84 2.85
C PRO A 132 -19.22 -15.44 2.16
N PRO A 133 -18.21 -15.81 2.98
CA PRO A 133 -16.98 -16.37 2.43
C PRO A 133 -17.26 -17.73 1.83
N ILE A 134 -16.39 -18.20 0.93
CA ILE A 134 -16.56 -19.55 0.33
C ILE A 134 -16.09 -20.66 1.31
N ASP A 135 -16.89 -20.93 2.34
CA ASP A 135 -16.52 -21.98 3.29
C ASP A 135 -17.64 -22.98 3.38
N ASN A 136 -18.55 -22.94 2.41
CA ASN A 136 -19.56 -24.00 2.27
C ASN A 136 -19.98 -24.21 0.83
N THR A 137 -20.66 -25.32 0.55
CA THR A 137 -20.92 -25.73 -0.82
C THR A 137 -22.01 -24.87 -1.49
N THR A 138 -22.79 -24.14 -0.70
CA THR A 138 -23.81 -23.26 -1.24
C THR A 138 -23.17 -22.09 -1.95
N VAL A 139 -22.15 -21.52 -1.31
CA VAL A 139 -21.45 -20.41 -1.92
C VAL A 139 -20.69 -20.87 -3.15
N VAL A 140 -20.05 -22.04 -3.08
CA VAL A 140 -19.34 -22.60 -4.26
C VAL A 140 -20.32 -22.75 -5.43
N ASN A 141 -21.48 -23.35 -5.16
CA ASN A 141 -22.44 -23.63 -6.21
C ASN A 141 -23.03 -22.37 -6.81
N TYR A 142 -23.32 -21.39 -5.96
CA TYR A 142 -23.79 -20.09 -6.41
C TYR A 142 -22.81 -19.51 -7.44
N ILE A 143 -21.54 -19.47 -7.07
CA ILE A 143 -20.51 -18.97 -7.98
C ILE A 143 -20.43 -19.78 -9.28
N LEU A 144 -20.37 -21.12 -9.17
CA LEU A 144 -20.31 -21.97 -10.38
C LEU A 144 -21.49 -21.72 -11.31
N GLN A 145 -22.69 -21.70 -10.74
CA GLN A 145 -23.89 -21.51 -11.53
C GLN A 145 -23.95 -20.11 -12.15
N LYS A 146 -23.55 -19.10 -11.39
CA LYS A 146 -23.61 -17.73 -11.88
C LYS A 146 -22.58 -17.56 -13.02
N SER A 147 -21.42 -18.15 -12.84
CA SER A 147 -20.38 -18.12 -13.85
C SER A 147 -20.76 -18.81 -15.14
N LYS A 148 -21.44 -19.95 -15.00
CA LYS A 148 -22.04 -20.63 -16.18
C LYS A 148 -23.04 -19.72 -16.90
N SER A 149 -23.98 -19.11 -16.15
CA SER A 149 -24.91 -18.13 -16.74
C SER A 149 -24.21 -17.00 -17.46
N VAL A 150 -23.17 -16.44 -16.84
CA VAL A 150 -22.43 -15.34 -17.48
C VAL A 150 -21.75 -15.82 -18.76
N GLY A 151 -21.08 -16.98 -18.70
CA GLY A 151 -20.58 -17.68 -19.88
C GLY A 151 -19.44 -17.03 -20.65
N LEU A 152 -18.46 -16.44 -19.95
CA LEU A 152 -17.32 -15.84 -20.66
C LEU A 152 -16.01 -16.50 -20.38
N CYS A 153 -15.66 -16.65 -19.11
CA CYS A 153 -14.49 -17.47 -18.76
C CYS A 153 -14.86 -18.51 -17.72
N ARG A 154 -13.98 -19.47 -17.57
CA ARG A 154 -14.17 -20.51 -16.58
C ARG A 154 -13.74 -19.88 -15.26
N VAL A 155 -14.64 -19.89 -14.29
CA VAL A 155 -14.36 -19.42 -12.96
C VAL A 155 -14.23 -20.62 -12.04
N LEU A 156 -13.05 -20.77 -11.43
CA LEU A 156 -12.77 -21.89 -10.54
C LEU A 156 -12.67 -21.34 -9.12
N PRO A 157 -13.56 -21.79 -8.26
CA PRO A 157 -13.55 -21.29 -6.91
C PRO A 157 -12.47 -21.94 -6.06
N THR A 158 -12.07 -21.22 -5.01
CA THR A 158 -11.27 -21.78 -3.96
C THR A 158 -12.14 -21.76 -2.75
N GLY A 159 -11.74 -22.50 -1.71
CA GLY A 159 -12.39 -22.47 -0.43
C GLY A 159 -11.48 -21.74 0.55
N THR A 160 -11.99 -21.44 1.73
CA THR A 160 -11.19 -20.86 2.79
C THR A 160 -10.38 -21.98 3.42
N ILE A 161 -9.30 -21.60 4.09
CA ILE A 161 -8.60 -22.57 4.92
C ILE A 161 -9.39 -22.81 6.21
N THR A 162 -9.91 -21.73 6.80
CA THR A 162 -10.63 -21.84 8.05
C THR A 162 -12.12 -21.47 7.94
N LYS A 163 -12.93 -22.01 8.84
CA LYS A 163 -14.34 -21.63 8.94
C LYS A 163 -14.47 -20.13 9.15
N GLY A 164 -15.36 -19.52 8.35
CA GLY A 164 -15.57 -18.07 8.35
C GLY A 164 -14.34 -17.26 8.00
N ARG A 165 -13.28 -17.92 7.51
CA ARG A 165 -11.92 -17.30 7.46
C ARG A 165 -11.48 -16.65 8.77
N LYS A 166 -11.97 -17.12 9.92
CA LYS A 166 -11.59 -16.54 11.21
C LYS A 166 -10.29 -17.06 11.74
N GLY A 167 -9.69 -18.05 11.07
CA GLY A 167 -8.36 -18.53 11.42
C GLY A 167 -8.27 -19.58 12.49
N LYS A 168 -9.41 -20.08 12.98
CA LYS A 168 -9.42 -20.95 14.15
C LYS A 168 -9.62 -22.42 13.87
N GLU A 169 -10.55 -22.76 12.99
CA GLU A 169 -10.90 -24.14 12.71
C GLU A 169 -10.80 -24.39 11.20
N ILE A 170 -10.18 -25.51 10.82
CA ILE A 170 -10.06 -25.88 9.42
C ILE A 170 -11.45 -25.96 8.82
N ALA A 171 -11.58 -25.56 7.55
CA ALA A 171 -12.87 -25.62 6.86
C ALA A 171 -13.09 -27.05 6.35
N ASP A 172 -14.30 -27.33 5.88
CA ASP A 172 -14.61 -28.64 5.36
C ASP A 172 -14.05 -28.86 3.94
N PHE A 173 -12.75 -29.16 3.87
CA PHE A 173 -12.07 -29.35 2.58
C PHE A 173 -12.70 -30.41 1.73
N TYR A 174 -13.04 -31.50 2.36
CA TYR A 174 -13.64 -32.58 1.62
C TYR A 174 -14.90 -32.13 0.85
N SER A 175 -15.86 -31.47 1.52
CA SER A 175 -17.10 -31.03 0.83
C SER A 175 -16.83 -29.95 -0.20
N LEU A 176 -15.89 -29.06 0.10
CA LEU A 176 -15.57 -27.93 -0.78
C LEU A 176 -14.87 -28.38 -2.07
N LYS A 177 -13.84 -29.23 -1.96
CA LYS A 177 -13.24 -29.88 -3.12
C LYS A 177 -14.29 -30.64 -3.97
N GLU A 178 -15.07 -31.52 -3.35
CA GLU A 178 -16.11 -32.23 -4.07
C GLU A 178 -17.07 -31.29 -4.83
N ALA A 179 -17.40 -30.15 -4.24
CA ALA A 179 -18.22 -29.16 -4.92
C ALA A 179 -17.50 -28.39 -6.04
N GLY A 180 -16.17 -28.44 -6.08
CA GLY A 180 -15.43 -27.84 -7.21
C GLY A 180 -14.29 -26.91 -6.84
N CYS A 181 -14.04 -26.69 -5.55
CA CYS A 181 -12.92 -25.84 -5.15
C CYS A 181 -11.58 -26.46 -5.58
N VAL A 182 -10.64 -25.62 -6.02
CA VAL A 182 -9.39 -26.14 -6.57
C VAL A 182 -8.20 -25.90 -5.66
N ALA A 183 -8.46 -25.21 -4.56
CA ALA A 183 -7.42 -24.84 -3.62
C ALA A 183 -8.07 -24.14 -2.40
N PHE A 184 -7.32 -24.03 -1.32
CA PHE A 184 -7.82 -23.38 -0.13
C PHE A 184 -6.85 -22.26 0.23
N THR A 185 -7.42 -21.12 0.58
CA THR A 185 -6.67 -19.99 1.06
C THR A 185 -7.54 -19.21 2.05
N ASP A 186 -6.92 -18.55 3.01
CA ASP A 186 -7.64 -17.56 3.82
C ASP A 186 -7.44 -16.12 3.31
N ASP A 187 -6.82 -15.96 2.13
CA ASP A 187 -6.70 -14.65 1.48
C ASP A 187 -7.95 -13.75 1.72
N GLY A 188 -7.77 -12.50 2.18
CA GLY A 188 -6.44 -11.89 2.31
C GLY A 188 -5.95 -11.85 3.74
N SER A 189 -6.37 -12.84 4.54
CA SER A 189 -5.91 -13.04 5.90
C SER A 189 -4.87 -14.18 6.00
N PRO A 190 -3.80 -13.94 6.78
CA PRO A 190 -2.79 -14.99 7.02
C PRO A 190 -3.40 -15.99 7.99
N VAL A 191 -2.83 -17.19 8.04
CA VAL A 191 -3.16 -18.14 9.06
C VAL A 191 -2.06 -17.93 10.07
N MET A 192 -2.44 -17.65 11.32
CA MET A 192 -1.48 -17.35 12.37
C MET A 192 -1.08 -18.55 13.23
N ASP A 193 -1.93 -19.55 13.29
CA ASP A 193 -1.58 -20.68 14.11
C ASP A 193 -0.84 -21.71 13.18
N SER A 194 0.33 -22.13 13.62
CA SER A 194 1.10 -23.07 12.83
C SER A 194 0.48 -24.47 12.67
N SER A 195 -0.25 -24.97 13.68
CA SER A 195 -0.90 -26.26 13.49
C SER A 195 -2.08 -26.13 12.58
N VAL A 196 -2.77 -25.00 12.62
CA VAL A 196 -3.83 -24.80 11.64
C VAL A 196 -3.28 -24.90 10.23
N MET A 197 -2.16 -24.22 9.98
CA MET A 197 -1.58 -24.26 8.66
C MET A 197 -1.10 -25.70 8.32
N ARG A 198 -0.45 -26.35 9.29
CA ARG A 198 -0.01 -27.72 9.08
C ARG A 198 -1.20 -28.63 8.76
N LYS A 199 -2.29 -28.51 9.53
CA LYS A 199 -3.47 -29.31 9.31
C LYS A 199 -4.11 -29.01 7.96
N ALA A 200 -4.12 -27.74 7.56
CA ALA A 200 -4.62 -27.40 6.24
C ALA A 200 -3.81 -28.15 5.16
N LEU A 201 -2.49 -28.09 5.27
CA LEU A 201 -1.63 -28.68 4.30
C LEU A 201 -1.82 -30.19 4.26
N GLU A 202 -1.94 -30.81 5.43
CA GLU A 202 -2.18 -32.26 5.52
C GLU A 202 -3.50 -32.67 4.86
N LEU A 203 -4.59 -32.01 5.20
CA LEU A 203 -5.87 -32.41 4.69
C LEU A 203 -6.01 -32.06 3.20
N ALA A 204 -5.41 -30.95 2.78
CA ALA A 204 -5.44 -30.60 1.37
C ALA A 204 -4.61 -31.58 0.52
N SER A 205 -3.41 -31.95 0.96
CA SER A 205 -2.59 -32.84 0.18
C SER A 205 -3.23 -34.21 0.10
N GLN A 206 -3.86 -34.63 1.18
CA GLN A 206 -4.64 -35.86 1.16
C GLN A 206 -5.66 -35.82 0.00
N LEU A 207 -6.22 -34.64 -0.25
CA LEU A 207 -7.20 -34.48 -1.32
C LEU A 207 -6.56 -34.12 -2.66
N GLY A 208 -5.24 -34.00 -2.70
CA GLY A 208 -4.59 -33.63 -3.93
C GLY A 208 -4.75 -32.17 -4.34
N VAL A 209 -5.00 -31.26 -3.42
CA VAL A 209 -5.11 -29.85 -3.83
C VAL A 209 -4.17 -28.99 -3.04
N PRO A 210 -3.75 -27.85 -3.61
CA PRO A 210 -2.80 -27.00 -2.89
C PRO A 210 -3.43 -26.06 -1.87
N ILE A 211 -2.59 -25.57 -0.98
CA ILE A 211 -2.92 -24.41 -0.17
C ILE A 211 -2.27 -23.19 -0.82
N MET A 212 -3.05 -22.12 -0.96
CA MET A 212 -2.54 -20.84 -1.45
C MET A 212 -2.48 -19.99 -0.21
N ASP A 213 -1.32 -19.49 0.12
CA ASP A 213 -1.21 -18.81 1.38
C ASP A 213 -0.89 -17.36 1.15
N ALA A 214 -1.67 -16.55 1.86
CA ALA A 214 -1.55 -15.09 2.00
C ALA A 214 -0.61 -14.88 3.19
N CYS A 215 0.65 -14.64 2.84
CA CYS A 215 1.77 -14.61 3.78
C CYS A 215 2.05 -13.21 4.33
N GLU A 216 1.57 -12.96 5.53
CA GLU A 216 1.81 -11.71 6.25
C GLU A 216 1.41 -11.86 7.70
N ASP A 217 2.40 -12.22 8.53
CA ASP A 217 2.28 -12.34 9.97
C ASP A 217 1.60 -11.08 10.56
N ASP A 218 0.42 -11.23 11.18
CA ASP A 218 -0.42 -10.07 11.56
C ASP A 218 0.11 -9.22 12.76
N LYS A 219 1.17 -9.69 13.42
CA LYS A 219 1.84 -8.92 14.48
C LYS A 219 2.84 -7.95 13.89
N LEU A 220 3.31 -8.27 12.70
CA LEU A 220 4.32 -7.51 12.00
C LEU A 220 3.77 -6.80 10.77
N ALA A 221 2.49 -7.03 10.47
CA ALA A 221 1.85 -6.43 9.29
C ALA A 221 0.41 -6.00 9.59
N TYR A 222 0.28 -4.96 10.42
CA TYR A 222 -1.06 -4.51 10.72
C TYR A 222 -1.28 -3.07 10.33
N GLY A 223 -0.22 -2.40 9.86
CA GLY A 223 -0.32 -1.09 9.24
C GLY A 223 -0.78 -1.10 7.78
N VAL A 224 -0.48 -0.01 7.08
CA VAL A 224 -1.13 0.22 5.80
C VAL A 224 -0.21 0.18 4.56
N ILE A 225 1.08 0.46 4.74
CA ILE A 225 2.03 0.46 3.63
C ILE A 225 3.33 -0.22 4.06
N ASN A 226 4.25 -0.39 3.11
CA ASN A 226 5.53 -1.01 3.42
C ASN A 226 6.22 -0.29 4.56
N GLU A 227 6.98 -1.03 5.35
CA GLU A 227 7.89 -0.44 6.31
C GLU A 227 9.15 -0.06 5.55
N GLY A 228 9.18 1.15 5.02
CA GLY A 228 10.34 1.63 4.25
C GLY A 228 10.44 3.14 4.34
N GLU A 229 10.70 3.77 3.19
CA GLU A 229 10.99 5.20 3.19
C GLU A 229 9.75 6.03 3.34
N VAL A 230 8.68 5.58 2.71
CA VAL A 230 7.45 6.33 2.68
C VAL A 230 6.78 6.26 4.06
N SER A 231 6.73 5.08 4.70
CA SER A 231 6.19 5.03 6.05
C SER A 231 6.99 5.92 6.98
N ALA A 232 8.32 5.94 6.82
CA ALA A 232 9.16 6.74 7.70
C ALA A 232 8.90 8.24 7.52
N LEU A 233 8.75 8.64 6.25
CA LEU A 233 8.60 10.03 5.86
C LEU A 233 7.25 10.56 6.33
N LEU A 234 6.19 9.79 6.10
CA LEU A 234 4.83 10.26 6.37
C LEU A 234 4.23 9.86 7.69
N GLY A 235 4.78 8.85 8.35
CA GLY A 235 4.21 8.36 9.58
C GLY A 235 3.02 7.48 9.42
N LEU A 236 2.83 6.92 8.24
CA LEU A 236 1.77 5.94 8.04
C LEU A 236 2.25 4.65 8.66
N SER A 237 1.32 3.90 9.21
CA SER A 237 1.60 2.63 9.80
C SER A 237 2.09 1.69 8.70
N SER A 238 2.87 0.70 9.09
CA SER A 238 3.66 -0.02 8.10
C SER A 238 3.43 -1.51 8.25
N ARG A 239 3.90 -2.27 7.28
CA ARG A 239 3.83 -3.72 7.25
C ARG A 239 5.23 -4.19 6.91
N ALA A 240 5.82 -4.95 7.83
CA ALA A 240 7.22 -5.31 7.77
C ALA A 240 7.44 -6.40 6.74
N PRO A 241 8.53 -6.30 5.95
CA PRO A 241 8.75 -7.36 4.98
C PRO A 241 8.89 -8.73 5.64
N GLU A 242 9.42 -8.78 6.86
CA GLU A 242 9.57 -10.03 7.60
C GLU A 242 8.26 -10.72 7.87
N ALA A 243 7.14 -9.98 7.89
CA ALA A 243 5.84 -10.57 8.08
C ALA A 243 5.57 -11.57 6.96
N GLU A 244 6.00 -11.21 5.76
CA GLU A 244 5.80 -12.05 4.59
C GLU A 244 6.82 -13.18 4.62
N GLU A 245 8.09 -12.81 4.75
CA GLU A 245 9.20 -13.76 4.78
C GLU A 245 9.05 -14.87 5.83
N ILE A 246 8.61 -14.51 7.03
CA ILE A 246 8.50 -15.47 8.10
C ILE A 246 7.43 -16.51 7.74
N GLN A 247 6.32 -16.06 7.18
CA GLN A 247 5.29 -17.03 6.80
C GLN A 247 5.65 -17.88 5.59
N ILE A 248 6.42 -17.31 4.64
CA ILE A 248 6.82 -18.09 3.49
C ILE A 248 7.77 -19.19 3.97
N ALA A 249 8.68 -18.83 4.88
CA ALA A 249 9.64 -19.77 5.42
C ALA A 249 8.89 -20.89 6.20
N ARG A 250 7.95 -20.48 7.04
CA ARG A 250 7.06 -21.41 7.72
C ARG A 250 6.36 -22.34 6.74
N ASP A 251 5.80 -21.78 5.66
CA ASP A 251 5.06 -22.62 4.70
C ASP A 251 5.96 -23.63 3.95
N GLY A 252 7.18 -23.22 3.59
CA GLY A 252 8.12 -24.12 2.94
C GLY A 252 8.45 -25.30 3.84
N ILE A 253 8.70 -25.01 5.12
CA ILE A 253 8.97 -26.04 6.09
C ILE A 253 7.74 -26.97 6.24
N LEU A 254 6.57 -26.38 6.35
CA LEU A 254 5.36 -27.17 6.50
C LEU A 254 5.10 -28.03 5.27
N ALA A 255 5.31 -27.43 4.10
CA ALA A 255 5.13 -28.15 2.85
C ALA A 255 6.13 -29.32 2.81
N GLN A 256 7.36 -29.07 3.26
CA GLN A 256 8.39 -30.07 3.23
C GLN A 256 8.00 -31.24 4.10
N ARG A 257 7.56 -30.96 5.31
CA ARG A 257 7.31 -32.02 6.28
C ARG A 257 5.96 -32.72 6.11
N THR A 258 4.98 -32.03 5.53
CA THR A 258 3.69 -32.66 5.31
C THR A 258 3.64 -33.37 3.96
N GLY A 259 4.49 -32.96 3.01
CA GLY A 259 4.34 -33.41 1.60
C GLY A 259 3.28 -32.62 0.82
N GLY A 260 2.66 -31.62 1.45
CA GLY A 260 1.61 -30.83 0.77
C GLY A 260 2.25 -29.86 -0.19
N HIS A 261 1.43 -29.24 -1.03
CA HIS A 261 1.86 -28.26 -1.98
C HIS A 261 1.36 -26.94 -1.46
N VAL A 262 2.26 -25.99 -1.27
CA VAL A 262 1.85 -24.65 -0.87
C VAL A 262 2.21 -23.68 -2.00
N HIS A 263 1.27 -22.81 -2.32
CA HIS A 263 1.48 -21.81 -3.33
C HIS A 263 1.50 -20.46 -2.62
N ILE A 264 2.60 -19.74 -2.79
CA ILE A 264 2.79 -18.46 -2.13
C ILE A 264 2.22 -17.38 -3.00
N GLN A 265 1.25 -16.65 -2.48
CA GLN A 265 0.63 -15.58 -3.24
C GLN A 265 1.43 -14.28 -3.21
N ALA A 266 1.30 -13.52 -4.28
CA ALA A 266 1.89 -12.18 -4.36
C ALA A 266 3.23 -11.99 -3.59
N VAL A 267 4.30 -12.60 -4.08
CA VAL A 267 5.64 -12.46 -3.49
C VAL A 267 6.13 -11.02 -3.69
N SER A 268 6.78 -10.45 -2.69
CA SER A 268 7.09 -9.02 -2.83
C SER A 268 8.46 -8.59 -2.41
N THR A 269 9.29 -9.49 -1.89
CA THR A 269 10.64 -9.11 -1.46
C THR A 269 11.72 -10.04 -2.00
N LYS A 270 12.94 -9.51 -2.00
CA LYS A 270 14.12 -10.25 -2.37
C LYS A 270 14.35 -11.47 -1.46
N LEU A 271 14.35 -11.26 -0.14
CA LEU A 271 14.54 -12.36 0.81
C LEU A 271 13.50 -13.45 0.58
N SER A 272 12.26 -13.04 0.29
CA SER A 272 11.17 -14.00 0.03
C SER A 272 11.55 -14.96 -1.07
N LEU A 273 12.11 -14.41 -2.16
CA LEU A 273 12.45 -15.22 -3.31
C LEU A 273 13.62 -16.13 -2.98
N GLU A 274 14.55 -15.62 -2.19
CA GLU A 274 15.67 -16.44 -1.73
C GLU A 274 15.20 -17.67 -0.94
N ILE A 275 14.22 -17.46 -0.05
CA ILE A 275 13.66 -18.50 0.77
C ILE A 275 12.90 -19.57 -0.06
N ILE A 276 12.13 -19.10 -1.04
CA ILE A 276 11.38 -19.97 -1.91
C ILE A 276 12.33 -20.87 -2.68
N GLU A 277 13.40 -20.26 -3.23
CA GLU A 277 14.37 -20.98 -4.05
C GLU A 277 15.06 -22.01 -3.19
N PHE A 278 15.39 -21.62 -1.97
CA PHE A 278 15.98 -22.59 -0.99
C PHE A 278 15.09 -23.85 -0.80
N PHE A 279 13.78 -23.69 -0.72
CA PHE A 279 12.89 -24.86 -0.63
C PHE A 279 12.68 -25.57 -1.96
N LYS A 280 12.61 -24.82 -3.06
CA LYS A 280 12.51 -25.44 -4.41
C LYS A 280 13.73 -26.32 -4.64
N GLU A 281 14.91 -25.80 -4.32
CA GLU A 281 16.16 -26.58 -4.43
C GLU A 281 16.09 -27.95 -3.74
N LYS A 282 15.34 -28.04 -2.64
CA LYS A 282 15.19 -29.31 -1.89
C LYS A 282 14.10 -30.25 -2.41
N GLY A 283 13.40 -29.87 -3.47
CA GLY A 283 12.32 -30.70 -4.01
C GLY A 283 10.95 -30.52 -3.35
N VAL A 284 10.84 -29.52 -2.46
CA VAL A 284 9.58 -29.18 -1.83
C VAL A 284 8.53 -28.68 -2.84
N LYS A 285 7.30 -29.12 -2.68
CA LYS A 285 6.22 -28.61 -3.51
C LYS A 285 5.81 -27.20 -3.08
N ILE A 286 6.58 -26.20 -3.50
CA ILE A 286 6.25 -24.83 -3.18
C ILE A 286 6.28 -24.05 -4.48
N THR A 287 5.16 -23.40 -4.81
CA THR A 287 5.14 -22.57 -6.00
C THR A 287 4.87 -21.14 -5.58
N CYS A 288 5.00 -20.20 -6.50
CA CYS A 288 4.68 -18.81 -6.18
C CYS A 288 4.30 -18.02 -7.41
N GLU A 289 3.81 -16.82 -7.16
CA GLU A 289 3.29 -15.98 -8.20
C GLU A 289 3.76 -14.57 -7.91
N VAL A 290 3.72 -13.71 -8.93
CA VAL A 290 3.93 -12.30 -8.70
C VAL A 290 2.81 -11.47 -9.32
N ASN A 291 2.35 -10.51 -8.54
CA ASN A 291 1.42 -9.50 -9.01
C ASN A 291 2.21 -8.53 -9.90
N PRO A 292 1.80 -8.35 -11.16
CA PRO A 292 2.59 -7.51 -12.08
C PRO A 292 2.83 -6.08 -11.55
N ASN A 293 1.89 -5.58 -10.75
CA ASN A 293 2.06 -4.28 -10.08
C ASN A 293 3.34 -4.19 -9.26
N HIS A 294 3.70 -5.29 -8.60
CA HIS A 294 4.94 -5.33 -7.84
C HIS A 294 6.19 -5.33 -8.74
N LEU A 295 6.00 -5.68 -10.02
CA LEU A 295 7.06 -5.60 -10.99
C LEU A 295 7.22 -4.16 -11.46
N LEU A 296 6.16 -3.38 -11.40
CA LEU A 296 6.15 -2.03 -11.99
C LEU A 296 6.35 -0.88 -11.02
N PHE A 297 5.89 -1.08 -9.77
CA PHE A 297 5.81 0.01 -8.81
C PHE A 297 6.56 -0.34 -7.55
N THR A 298 7.02 0.70 -6.84
CA THR A 298 7.63 0.58 -5.50
C THR A 298 6.73 1.37 -4.52
N GLU A 299 7.05 1.33 -3.24
CA GLU A 299 6.40 2.18 -2.22
C GLU A 299 6.27 3.66 -2.60
N ARG A 300 7.19 4.15 -3.45
CA ARG A 300 7.19 5.56 -3.86
C ARG A 300 5.88 5.92 -4.56
N GLU A 301 5.27 4.93 -5.20
CA GLU A 301 3.97 5.08 -5.86
C GLU A 301 2.86 5.57 -4.90
N VAL A 302 3.00 5.26 -3.62
CA VAL A 302 2.08 5.82 -2.63
C VAL A 302 2.11 7.36 -2.66
N LEU A 303 3.27 7.94 -2.96
CA LEU A 303 3.37 9.40 -3.08
C LEU A 303 2.75 9.96 -4.37
N ASN A 304 2.71 9.17 -5.43
CA ASN A 304 2.16 9.60 -6.73
C ASN A 304 0.68 9.24 -6.98
N SER A 305 0.24 8.09 -6.45
CA SER A 305 -1.11 7.56 -6.68
C SER A 305 -1.93 7.43 -5.40
N GLY A 306 -1.35 7.79 -4.26
CA GLY A 306 -2.08 7.75 -2.98
C GLY A 306 -2.61 6.36 -2.68
N ALA A 307 -3.90 6.28 -2.37
CA ALA A 307 -4.48 5.03 -1.90
C ALA A 307 -4.62 3.96 -3.01
N ASN A 308 -4.54 4.34 -4.29
CA ASN A 308 -4.52 3.32 -5.37
C ASN A 308 -3.19 2.55 -5.41
N ALA A 309 -2.22 2.98 -4.60
CA ALA A 309 -1.01 2.17 -4.39
C ALA A 309 -1.05 1.43 -3.02
N ARG A 310 -2.16 1.52 -2.29
CA ARG A 310 -2.28 0.74 -1.06
C ARG A 310 -2.69 -0.67 -1.43
N VAL A 311 -1.85 -1.65 -1.06
CA VAL A 311 -2.05 -3.04 -1.41
C VAL A 311 -1.34 -3.93 -0.36
N ASN A 312 -1.87 -5.14 -0.13
CA ASN A 312 -1.23 -6.15 0.74
C ASN A 312 -0.84 -7.37 -0.14
N PRO A 313 0.44 -7.79 -0.11
CA PRO A 313 1.56 -7.14 0.55
C PRO A 313 1.79 -5.80 -0.11
N PRO A 314 2.40 -4.84 0.62
CA PRO A 314 2.67 -3.52 0.02
C PRO A 314 3.69 -3.56 -1.12
N LEU A 315 3.66 -2.52 -1.93
CA LEU A 315 4.75 -2.17 -2.81
C LEU A 315 5.96 -1.84 -1.95
N ARG A 316 7.09 -2.44 -2.27
CA ARG A 316 8.23 -2.27 -1.39
C ARG A 316 9.31 -1.46 -2.09
N LYS A 317 10.58 -1.79 -1.91
CA LYS A 317 11.67 -0.98 -2.46
C LYS A 317 12.14 -1.38 -3.86
N LYS A 318 12.90 -0.47 -4.48
CA LYS A 318 13.59 -0.69 -5.75
C LYS A 318 14.30 -2.04 -5.80
N GLU A 319 15.09 -2.32 -4.77
CA GLU A 319 15.85 -3.56 -4.70
C GLU A 319 14.91 -4.79 -4.73
N ASP A 320 13.73 -4.65 -4.13
CA ASP A 320 12.75 -5.71 -4.16
C ASP A 320 12.14 -5.84 -5.55
N ARG A 321 11.73 -4.71 -6.12
CA ARG A 321 11.17 -4.68 -7.46
C ARG A 321 12.13 -5.40 -8.46
N LEU A 322 13.41 -5.05 -8.38
CA LEU A 322 14.40 -5.60 -9.31
C LEU A 322 14.62 -7.09 -9.05
N ALA A 323 14.63 -7.46 -7.76
CA ALA A 323 14.74 -8.89 -7.40
C ALA A 323 13.58 -9.67 -7.97
N LEU A 324 12.37 -9.11 -7.87
CA LEU A 324 11.21 -9.79 -8.44
C LEU A 324 11.38 -10.07 -9.92
N ILE A 325 11.90 -9.08 -10.65
CA ILE A 325 12.08 -9.20 -12.09
C ILE A 325 13.12 -10.28 -12.33
N GLU A 326 14.18 -10.24 -11.54
CA GLU A 326 15.20 -11.30 -11.57
C GLU A 326 14.60 -12.70 -11.25
N GLY A 327 13.71 -12.78 -10.26
CA GLY A 327 13.02 -14.04 -9.98
C GLY A 327 12.15 -14.52 -11.12
N VAL A 328 11.54 -13.58 -11.86
CA VAL A 328 10.83 -13.95 -13.08
C VAL A 328 11.82 -14.51 -14.12
N LYS A 329 12.91 -13.78 -14.35
CA LYS A 329 13.92 -14.23 -15.32
C LYS A 329 14.47 -15.63 -15.00
N ARG A 330 14.82 -15.86 -13.73
CA ARG A 330 15.50 -17.10 -13.31
C ARG A 330 14.55 -18.27 -13.03
N GLY A 331 13.24 -18.07 -13.19
CA GLY A 331 12.28 -19.15 -13.07
C GLY A 331 11.90 -19.47 -11.63
N ILE A 332 12.26 -18.59 -10.70
CA ILE A 332 11.86 -18.77 -9.31
C ILE A 332 10.37 -18.47 -9.14
N ILE A 333 9.88 -17.43 -9.81
CA ILE A 333 8.47 -17.08 -9.76
C ILE A 333 7.81 -17.93 -10.83
N ASP A 334 6.78 -18.71 -10.48
CA ASP A 334 6.24 -19.71 -11.39
C ASP A 334 5.23 -19.14 -12.34
N CYS A 335 4.51 -18.09 -11.93
CA CYS A 335 3.50 -17.50 -12.80
C CYS A 335 3.22 -16.05 -12.44
N PHE A 336 2.55 -15.35 -13.35
CA PHE A 336 1.93 -14.06 -13.07
C PHE A 336 0.52 -14.33 -12.60
N ALA A 337 0.05 -13.57 -11.61
CA ALA A 337 -1.32 -13.66 -11.17
C ALA A 337 -1.65 -12.28 -10.63
N THR A 338 -2.81 -11.75 -11.01
CA THR A 338 -3.07 -10.33 -10.79
C THR A 338 -3.35 -9.94 -9.35
N ASP A 339 -3.94 -10.84 -8.56
CA ASP A 339 -4.58 -10.39 -7.33
C ASP A 339 -5.46 -9.17 -7.69
N HIS A 340 -6.20 -9.29 -8.78
CA HIS A 340 -7.17 -8.31 -9.16
C HIS A 340 -8.03 -8.04 -7.94
N ALA A 341 -7.94 -6.83 -7.39
CA ALA A 341 -8.63 -6.58 -6.13
C ALA A 341 -9.32 -5.24 -6.19
N PRO A 342 -10.55 -5.24 -6.74
CA PRO A 342 -11.22 -4.00 -6.95
C PRO A 342 -11.81 -3.43 -5.66
N HIS A 343 -11.71 -2.12 -5.54
CA HIS A 343 -12.38 -1.35 -4.47
C HIS A 343 -12.87 -0.05 -5.08
N GLN A 344 -13.97 0.46 -4.57
CA GLN A 344 -14.51 1.73 -5.08
C GLN A 344 -13.64 2.97 -4.73
N THR A 345 -13.87 4.08 -5.44
CA THR A 345 -13.08 5.32 -5.26
C THR A 345 -13.20 5.85 -3.84
N PHE A 346 -14.38 5.73 -3.23
CA PHE A 346 -14.54 6.22 -1.87
C PHE A 346 -13.81 5.31 -0.90
N GLU A 347 -13.38 4.13 -1.37
CA GLU A 347 -12.54 3.25 -0.53
C GLU A 347 -11.04 3.46 -0.80
N LYS A 348 -10.75 4.48 -1.61
CA LYS A 348 -9.40 4.81 -2.05
C LYS A 348 -9.13 6.29 -1.91
N GLU A 349 -9.38 6.82 -0.72
CA GLU A 349 -9.18 8.25 -0.48
C GLU A 349 -7.97 8.43 0.44
N LEU A 350 -8.16 8.64 1.73
CA LEU A 350 -7.00 8.74 2.63
C LEU A 350 -6.39 7.36 2.80
N VAL A 351 -5.07 7.30 2.65
CA VAL A 351 -4.38 6.02 2.63
C VAL A 351 -4.74 5.23 3.91
N GLU A 352 -4.72 5.93 5.04
CA GLU A 352 -4.96 5.27 6.32
C GLU A 352 -6.28 4.49 6.36
N PHE A 353 -7.31 5.00 5.68
CA PHE A 353 -8.63 4.37 5.73
C PHE A 353 -8.97 3.53 4.50
N ALA A 354 -8.07 3.51 3.53
CA ALA A 354 -8.32 2.90 2.24
C ALA A 354 -8.29 1.38 2.34
N MET A 355 -9.18 0.73 1.60
CA MET A 355 -9.09 -0.71 1.38
C MET A 355 -7.84 -1.05 0.55
N PRO A 356 -7.10 -2.10 0.94
CA PRO A 356 -5.93 -2.46 0.12
C PRO A 356 -6.34 -3.20 -1.17
N GLY A 357 -5.65 -2.93 -2.26
CA GLY A 357 -5.79 -3.71 -3.49
C GLY A 357 -5.74 -2.88 -4.75
N ILE A 358 -5.38 -3.55 -5.84
CA ILE A 358 -5.22 -2.96 -7.17
C ILE A 358 -5.92 -3.87 -8.20
N ILE A 359 -6.71 -3.31 -9.09
CA ILE A 359 -7.25 -4.12 -10.20
C ILE A 359 -6.14 -4.38 -11.18
N GLY A 360 -6.26 -5.45 -11.95
CA GLY A 360 -5.15 -5.82 -12.82
C GLY A 360 -5.43 -6.76 -13.97
N LEU A 361 -6.60 -7.36 -14.01
CA LEU A 361 -6.92 -8.28 -15.11
C LEU A 361 -6.73 -7.69 -16.52
N GLN A 362 -7.12 -6.43 -16.71
CA GLN A 362 -7.00 -5.81 -18.04
C GLN A 362 -5.61 -5.29 -18.28
N THR A 363 -4.81 -5.14 -17.24
CA THR A 363 -3.48 -4.58 -17.41
C THR A 363 -2.32 -5.58 -17.28
N ALA A 364 -2.63 -6.81 -16.89
CA ALA A 364 -1.62 -7.85 -16.71
C ALA A 364 -0.74 -8.01 -17.96
N LEU A 365 -1.36 -8.14 -19.13
CA LEU A 365 -0.58 -8.41 -20.33
C LEU A 365 0.38 -7.23 -20.73
N PRO A 366 -0.15 -6.01 -20.92
CA PRO A 366 0.84 -4.96 -21.22
C PRO A 366 1.89 -4.81 -20.12
N SER A 367 1.52 -5.09 -18.88
CA SER A 367 2.44 -4.92 -17.77
C SER A 367 3.58 -5.92 -17.91
N ALA A 368 3.21 -7.20 -18.06
CA ALA A 368 4.16 -8.27 -18.42
C ALA A 368 5.02 -7.96 -19.66
N LEU A 369 4.41 -7.35 -20.68
CA LEU A 369 5.09 -7.12 -21.97
C LEU A 369 6.20 -6.11 -21.88
N GLU A 370 6.10 -5.22 -20.89
CA GLU A 370 7.18 -4.34 -20.47
C GLU A 370 8.47 -5.13 -20.23
N LEU A 371 8.40 -6.26 -19.52
CA LEU A 371 9.58 -7.14 -19.34
C LEU A 371 10.09 -7.76 -20.67
N TYR A 372 9.16 -8.09 -21.56
CA TYR A 372 9.53 -8.59 -22.87
C TYR A 372 10.28 -7.50 -23.65
N ARG A 373 9.76 -6.27 -23.61
CA ARG A 373 10.35 -5.16 -24.37
C ARG A 373 11.76 -4.80 -23.90
N LYS A 374 12.01 -4.96 -22.60
CA LYS A 374 13.33 -4.67 -22.07
C LYS A 374 14.30 -5.85 -22.28
N GLY A 375 13.84 -6.89 -22.98
CA GLY A 375 14.62 -8.11 -23.23
C GLY A 375 14.90 -8.91 -21.97
N ILE A 376 14.03 -8.81 -20.97
CA ILE A 376 14.25 -9.51 -19.71
C ILE A 376 13.75 -10.95 -19.83
N ILE A 377 12.58 -11.10 -20.46
CA ILE A 377 12.06 -12.42 -20.78
C ILE A 377 11.66 -12.51 -22.25
N SER A 378 11.71 -13.73 -22.78
CA SER A 378 11.21 -14.02 -24.12
C SER A 378 9.69 -14.05 -24.11
N LEU A 379 9.13 -13.97 -25.32
CA LEU A 379 7.69 -14.00 -25.52
C LEU A 379 7.13 -15.34 -25.07
N LYS A 380 7.82 -16.42 -25.45
CA LYS A 380 7.49 -17.78 -24.98
C LYS A 380 7.42 -17.84 -23.41
N LYS A 381 8.43 -17.28 -22.76
CA LYS A 381 8.49 -17.26 -21.30
C LYS A 381 7.29 -16.49 -20.69
N LEU A 382 6.95 -15.33 -21.28
CA LEU A 382 5.81 -14.52 -20.85
C LEU A 382 4.53 -15.34 -20.94
N ILE A 383 4.36 -16.06 -22.06
CA ILE A 383 3.20 -16.91 -22.26
C ILE A 383 3.17 -18.09 -21.28
N GLU A 384 4.32 -18.73 -21.06
CA GLU A 384 4.41 -19.78 -20.05
C GLU A 384 3.84 -19.33 -18.71
N MET A 385 4.25 -18.13 -18.28
CA MET A 385 3.84 -17.57 -17.01
C MET A 385 2.34 -17.27 -16.93
N PHE A 386 1.66 -17.19 -18.08
CA PHE A 386 0.23 -16.92 -18.11
C PHE A 386 -0.59 -18.18 -18.43
N THR A 387 0.06 -19.27 -18.81
CA THR A 387 -0.67 -20.39 -19.38
C THR A 387 -0.33 -21.69 -18.69
N ILE A 388 0.67 -22.39 -19.20
CA ILE A 388 0.99 -23.71 -18.70
C ILE A 388 1.46 -23.69 -17.22
N ASN A 389 2.27 -22.71 -16.81
CA ASN A 389 2.69 -22.67 -15.42
C ASN A 389 1.50 -22.55 -14.43
N PRO A 390 0.60 -21.54 -14.60
CA PRO A 390 -0.55 -21.51 -13.69
C PRO A 390 -1.46 -22.77 -13.79
N ALA A 391 -1.61 -23.32 -15.00
CA ALA A 391 -2.35 -24.57 -15.15
C ALA A 391 -1.77 -25.68 -14.28
N ARG A 392 -0.46 -25.81 -14.26
CA ARG A 392 0.18 -26.90 -13.51
C ARG A 392 0.08 -26.69 -12.01
N ILE A 393 0.04 -25.43 -11.57
CA ILE A 393 -0.05 -25.11 -10.16
C ILE A 393 -1.37 -25.60 -9.58
N ILE A 394 -2.47 -25.44 -10.33
CA ILE A 394 -3.80 -25.80 -9.84
C ILE A 394 -4.26 -27.15 -10.39
N GLY A 395 -3.38 -27.80 -11.16
CA GLY A 395 -3.63 -29.18 -11.63
C GLY A 395 -4.79 -29.28 -12.61
N VAL A 396 -4.93 -28.31 -13.50
CA VAL A 396 -5.97 -28.40 -14.52
C VAL A 396 -5.30 -28.60 -15.87
N ASP A 397 -5.95 -29.34 -16.75
CA ASP A 397 -5.42 -29.58 -18.09
C ASP A 397 -5.86 -28.45 -19.03
N LEU A 398 -5.21 -27.30 -18.87
CA LEU A 398 -5.54 -26.10 -19.64
C LEU A 398 -4.19 -25.44 -19.92
N GLY A 399 -4.19 -24.21 -20.45
CA GLY A 399 -2.92 -23.53 -20.72
C GLY A 399 -2.12 -24.25 -21.81
N THR A 400 -2.83 -24.81 -22.78
CA THR A 400 -2.24 -25.68 -23.76
C THR A 400 -3.03 -25.55 -25.07
N LEU A 401 -2.39 -25.87 -26.19
CA LEU A 401 -3.11 -26.07 -27.46
C LEU A 401 -2.95 -27.52 -27.94
N LYS A 402 -2.70 -28.44 -27.01
CA LYS A 402 -2.68 -29.87 -27.30
C LYS A 402 -3.97 -30.33 -27.97
N LEU A 403 -3.83 -31.16 -29.01
CA LEU A 403 -4.97 -31.78 -29.69
C LEU A 403 -5.96 -32.42 -28.70
N GLY A 404 -7.24 -32.11 -28.85
CA GLY A 404 -8.30 -32.68 -27.99
C GLY A 404 -8.67 -31.85 -26.77
N SER A 405 -7.82 -30.87 -26.44
CA SER A 405 -8.05 -30.01 -25.29
C SER A 405 -8.98 -28.83 -25.63
N PRO A 406 -9.56 -28.18 -24.59
CA PRO A 406 -10.56 -27.14 -24.85
C PRO A 406 -9.99 -26.01 -25.68
N ALA A 407 -10.78 -25.46 -26.59
CA ALA A 407 -10.29 -24.43 -27.46
C ALA A 407 -10.28 -23.06 -26.77
N ASP A 408 -9.46 -22.98 -25.73
CA ASP A 408 -9.23 -21.72 -25.03
C ASP A 408 -7.99 -21.11 -25.63
N ILE A 409 -8.21 -20.00 -26.34
CA ILE A 409 -7.17 -19.39 -27.18
C ILE A 409 -7.20 -17.89 -26.97
N THR A 410 -6.02 -17.29 -26.79
CA THR A 410 -5.92 -15.85 -26.74
C THR A 410 -5.08 -15.35 -27.91
N ILE A 411 -5.52 -14.24 -28.51
CA ILE A 411 -4.89 -13.65 -29.70
C ILE A 411 -4.59 -12.19 -29.39
N PHE A 412 -3.31 -11.80 -29.46
CA PHE A 412 -2.93 -10.46 -29.01
C PHE A 412 -1.87 -9.76 -29.84
N ASP A 413 -1.89 -8.44 -29.75
CA ASP A 413 -0.92 -7.57 -30.42
C ASP A 413 0.05 -7.03 -29.37
N PRO A 414 1.33 -7.49 -29.39
CA PRO A 414 2.28 -7.05 -28.35
C PRO A 414 2.56 -5.54 -28.41
N ASN A 415 2.21 -4.91 -29.53
CA ASN A 415 2.59 -3.53 -29.81
C ASN A 415 1.45 -2.50 -29.78
N LYS A 416 0.21 -2.95 -29.68
CA LYS A 416 -0.93 -2.07 -29.74
C LYS A 416 -1.11 -1.22 -28.47
N GLU A 417 -1.14 0.09 -28.69
CA GLU A 417 -1.29 1.05 -27.60
C GLU A 417 -2.73 1.37 -27.27
N TRP A 418 -2.99 1.51 -25.97
CA TRP A 418 -4.29 1.92 -25.48
C TRP A 418 -4.11 2.51 -24.09
N ILE A 419 -5.19 3.08 -23.60
CA ILE A 419 -5.25 3.72 -22.29
C ILE A 419 -6.37 3.07 -21.48
N LEU A 420 -6.04 2.64 -20.26
CA LEU A 420 -7.09 2.26 -19.32
C LEU A 420 -7.80 3.52 -18.76
N ASN A 421 -9.05 3.73 -19.17
CA ASN A 421 -9.87 4.83 -18.68
C ASN A 421 -11.35 4.46 -18.76
N GLU A 422 -12.23 5.44 -18.60
CA GLU A 422 -13.68 5.19 -18.60
C GLU A 422 -14.17 4.54 -19.90
N GLU A 423 -13.52 4.89 -21.00
CA GLU A 423 -13.85 4.35 -22.31
C GLU A 423 -13.54 2.85 -22.41
N THR A 424 -12.56 2.41 -21.64
CA THR A 424 -11.93 1.13 -21.88
C THR A 424 -12.01 0.13 -20.70
N ASN A 425 -12.31 0.65 -19.51
CA ASN A 425 -12.34 -0.12 -18.26
C ASN A 425 -13.61 -0.97 -18.19
N LEU A 426 -13.46 -2.26 -17.91
CA LEU A 426 -14.61 -3.18 -17.77
C LEU A 426 -14.89 -3.55 -16.33
N SER A 427 -13.97 -3.15 -15.45
CA SER A 427 -14.17 -3.31 -14.03
C SER A 427 -15.19 -2.29 -13.53
N LYS A 428 -15.92 -2.64 -12.47
CA LYS A 428 -16.76 -1.65 -11.81
C LYS A 428 -15.91 -0.63 -11.05
N SER A 429 -14.65 -1.00 -10.83
CA SER A 429 -13.75 -0.17 -10.03
C SER A 429 -12.61 0.35 -10.90
N ARG A 430 -11.86 1.31 -10.37
CA ARG A 430 -10.83 2.03 -11.14
C ARG A 430 -9.48 2.00 -10.45
N ASN A 431 -9.34 1.19 -9.40
CA ASN A 431 -8.21 1.35 -8.47
C ASN A 431 -6.89 0.75 -8.96
N THR A 432 -6.18 1.49 -9.79
CA THR A 432 -4.86 1.08 -10.22
C THR A 432 -4.01 2.29 -10.58
N PRO A 433 -2.73 2.28 -10.16
CA PRO A 433 -1.88 3.43 -10.55
C PRO A 433 -1.73 3.55 -12.06
N LEU A 434 -2.08 2.51 -12.83
CA LEU A 434 -2.03 2.60 -14.31
C LEU A 434 -3.25 3.28 -14.94
N TRP A 435 -4.19 3.72 -14.09
CA TRP A 435 -5.36 4.45 -14.57
C TRP A 435 -4.90 5.63 -15.40
N GLY A 436 -5.39 5.72 -16.62
CA GLY A 436 -5.11 6.87 -17.49
C GLY A 436 -3.75 6.89 -18.15
N LYS A 437 -2.94 5.88 -17.92
CA LYS A 437 -1.61 5.82 -18.52
C LYS A 437 -1.60 4.98 -19.80
N VAL A 438 -0.62 5.23 -20.66
CA VAL A 438 -0.53 4.55 -21.94
C VAL A 438 -0.01 3.13 -21.73
N LEU A 439 -0.74 2.15 -22.23
CA LEU A 439 -0.26 0.76 -22.19
C LEU A 439 0.05 0.25 -23.60
N LYS A 440 1.02 -0.63 -23.70
CA LYS A 440 1.38 -1.20 -25.00
C LYS A 440 1.29 -2.73 -24.91
N GLY A 441 0.48 -3.30 -25.78
CA GLY A 441 0.15 -4.72 -25.69
C GLY A 441 -1.32 -4.83 -25.37
N LYS A 442 -2.04 -5.59 -26.20
CA LYS A 442 -3.49 -5.60 -26.10
C LYS A 442 -4.08 -6.83 -26.76
N VAL A 443 -5.11 -7.38 -26.11
CA VAL A 443 -5.81 -8.52 -26.63
C VAL A 443 -6.72 -8.10 -27.79
N ILE A 444 -6.64 -8.83 -28.90
CA ILE A 444 -7.55 -8.63 -30.03
C ILE A 444 -8.69 -9.63 -29.99
N TYR A 445 -8.38 -10.87 -29.65
CA TYR A 445 -9.43 -11.89 -29.53
C TYR A 445 -9.22 -12.77 -28.30
N THR A 446 -10.32 -13.13 -27.63
CA THR A 446 -10.30 -14.17 -26.62
C THR A 446 -11.31 -15.22 -27.01
N ILE A 447 -10.89 -16.48 -27.02
CA ILE A 447 -11.72 -17.61 -27.44
C ILE A 447 -11.82 -18.64 -26.31
N LYS A 448 -13.05 -19.03 -25.98
CA LYS A 448 -13.29 -19.98 -24.90
C LYS A 448 -14.18 -21.10 -25.39
N ASP A 449 -13.70 -22.33 -25.30
CA ASP A 449 -14.36 -23.48 -25.94
C ASP A 449 -14.80 -23.17 -27.39
N GLY A 450 -13.89 -22.67 -28.20
CA GLY A 450 -14.18 -22.44 -29.60
C GLY A 450 -15.11 -21.25 -29.87
N LYS A 451 -15.59 -20.60 -28.81
CA LYS A 451 -16.49 -19.45 -28.98
C LYS A 451 -15.77 -18.12 -28.71
N MET A 452 -15.89 -17.18 -29.65
CA MET A 452 -15.32 -15.85 -29.44
C MET A 452 -16.09 -15.16 -28.32
N VAL A 453 -15.44 -14.95 -27.18
CA VAL A 453 -16.11 -14.31 -26.02
C VAL A 453 -15.64 -12.87 -25.84
N TYR A 454 -14.52 -12.53 -26.48
CA TYR A 454 -14.05 -11.16 -26.52
C TYR A 454 -13.40 -10.81 -27.87
N LYS A 455 -13.68 -9.61 -28.37
CA LYS A 455 -12.83 -8.99 -29.40
C LYS A 455 -12.59 -7.49 -29.23
N ASP A 456 -11.41 -7.04 -29.63
CA ASP A 456 -11.05 -5.62 -29.61
C ASP A 456 -12.03 -4.86 -30.50
N MET B 32 -4.10 32.54 -1.34
CA MET B 32 -5.10 31.86 -0.40
C MET B 32 -4.73 30.37 -0.03
N ARG B 33 -3.63 30.16 0.67
CA ARG B 33 -3.25 28.75 0.73
C ARG B 33 -3.34 28.09 2.14
N SER B 34 -2.76 26.91 2.22
CA SER B 34 -2.82 26.10 3.39
C SER B 34 -1.42 25.69 3.79
N LEU B 35 -1.28 25.26 5.04
CA LEU B 35 -0.02 24.73 5.52
C LEU B 35 -0.35 23.38 6.16
N ILE B 36 -0.11 22.31 5.41
CA ILE B 36 -0.37 20.98 5.93
C ILE B 36 0.90 20.28 6.37
N SER B 37 1.99 20.54 5.64
CA SER B 37 3.21 19.80 5.91
C SER B 37 4.40 20.70 5.72
N SER B 38 5.38 20.54 6.59
CA SER B 38 6.69 21.17 6.43
C SER B 38 7.33 20.89 5.09
N LEU B 39 7.04 19.71 4.53
CA LEU B 39 7.64 19.29 3.26
C LEU B 39 7.20 20.17 2.09
N ASP B 40 6.18 20.98 2.31
CA ASP B 40 5.67 21.80 1.25
C ASP B 40 6.26 23.22 1.29
N LEU B 41 7.07 23.52 2.31
CA LEU B 41 7.62 24.89 2.42
C LEU B 41 8.96 25.02 1.68
N THR B 42 9.07 26.03 0.84
CA THR B 42 10.37 26.34 0.26
C THR B 42 11.24 27.11 1.29
N ARG B 43 12.54 27.21 1.02
CA ARG B 43 13.41 28.10 1.80
C ARG B 43 12.83 29.51 1.95
N GLU B 44 12.33 30.06 0.86
CA GLU B 44 11.87 31.44 0.84
C GLU B 44 10.65 31.59 1.74
N GLU B 45 9.80 30.57 1.73
CA GLU B 45 8.59 30.64 2.51
C GLU B 45 8.90 30.59 3.98
N VAL B 46 9.87 29.78 4.36
CA VAL B 46 10.30 29.71 5.74
C VAL B 46 10.92 31.02 6.21
N GLU B 47 11.83 31.60 5.39
CA GLU B 47 12.36 32.95 5.66
C GLU B 47 11.25 33.95 5.84
N GLU B 48 10.22 33.87 5.00
CA GLU B 48 9.13 34.85 5.11
C GLU B 48 8.38 34.65 6.45
N ILE B 49 8.01 33.40 6.76
CA ILE B 49 7.27 33.15 7.97
C ILE B 49 8.05 33.61 9.16
N LEU B 50 9.33 33.23 9.22
CA LEU B 50 10.14 33.51 10.40
C LEU B 50 10.46 35.00 10.55
N LYS B 51 10.55 35.70 9.42
CA LYS B 51 10.66 37.16 9.45
C LYS B 51 9.42 37.77 10.11
N TYR B 52 8.22 37.39 9.67
CA TYR B 52 7.00 37.85 10.40
C TYR B 52 7.01 37.46 11.88
N ALA B 53 7.44 36.25 12.17
CA ALA B 53 7.44 35.77 13.54
C ALA B 53 8.34 36.65 14.39
N LYS B 54 9.55 36.93 13.92
CA LYS B 54 10.49 37.83 14.61
C LYS B 54 9.87 39.20 14.81
N GLU B 55 9.28 39.74 13.74
CA GLU B 55 8.59 41.03 13.83
C GLU B 55 7.52 41.01 14.92
N PHE B 56 6.67 39.99 14.93
CA PHE B 56 5.60 39.87 15.96
C PHE B 56 6.17 39.71 17.36
N LYS B 57 7.24 38.92 17.47
CA LYS B 57 7.93 38.74 18.75
C LYS B 57 8.44 40.09 19.26
N GLU B 58 8.87 40.97 18.36
CA GLU B 58 9.40 42.27 18.72
C GLU B 58 8.26 43.30 18.88
N GLY B 59 7.00 42.85 18.84
CA GLY B 59 5.86 43.71 19.19
C GLY B 59 5.04 44.33 18.06
N LYS B 60 5.30 43.92 16.83
CA LYS B 60 4.53 44.39 15.67
C LYS B 60 3.07 44.05 15.83
N GLU B 61 2.22 45.04 15.61
CA GLU B 61 0.76 44.87 15.60
C GLU B 61 0.32 44.73 14.15
N GLU B 62 -0.79 44.06 13.93
CA GLU B 62 -1.32 43.84 12.60
C GLU B 62 -2.76 43.37 12.77
N THR B 63 -3.62 43.75 11.84
CA THR B 63 -5.02 43.37 11.85
C THR B 63 -5.35 42.57 10.60
N ILE B 64 -5.98 41.42 10.82
CA ILE B 64 -6.49 40.58 9.75
C ILE B 64 -7.98 40.39 10.05
N LYS B 65 -8.84 40.87 9.15
CA LYS B 65 -10.29 40.80 9.36
C LYS B 65 -10.77 39.46 8.84
N ALA B 66 -10.76 38.46 9.69
CA ALA B 66 -11.05 37.09 9.25
C ALA B 66 -11.69 36.33 10.39
N SER B 67 -12.17 35.14 10.09
CA SER B 67 -12.57 34.28 11.16
C SER B 67 -11.84 32.94 11.04
N ALA B 68 -11.61 32.32 12.18
CA ALA B 68 -10.96 31.04 12.23
C ALA B 68 -11.74 30.08 13.11
N VAL B 69 -11.91 28.87 12.62
CA VAL B 69 -12.46 27.84 13.48
C VAL B 69 -11.32 26.87 13.82
N LEU B 70 -11.21 26.54 15.10
CA LEU B 70 -10.17 25.67 15.60
C LEU B 70 -10.86 24.32 15.91
N PHE B 71 -10.49 23.30 15.16
CA PHE B 71 -11.22 22.07 15.20
C PHE B 71 -10.27 21.02 15.78
N PHE B 72 -10.46 20.68 17.05
CA PHE B 72 -9.51 19.79 17.75
C PHE B 72 -10.16 18.48 18.12
N SER B 73 -9.76 17.39 17.47
CA SER B 73 -10.22 16.07 17.95
C SER B 73 -9.15 15.25 18.60
N GLU B 74 -8.11 15.93 19.08
CA GLU B 74 -7.16 15.36 20.02
C GLU B 74 -6.96 16.48 21.04
N PRO B 75 -6.49 16.12 22.25
CA PRO B 75 -6.18 17.07 23.30
C PRO B 75 -5.10 18.02 22.85
N SER B 76 -5.12 19.19 23.46
CA SER B 76 -4.14 20.19 23.23
C SER B 76 -4.30 21.23 24.34
N THR B 77 -3.17 21.75 24.83
CA THR B 77 -3.20 22.97 25.61
C THR B 77 -2.53 24.08 24.80
N ARG B 78 -1.23 23.97 24.59
CA ARG B 78 -0.49 25.10 24.08
C ARG B 78 -0.73 25.39 22.60
N THR B 79 -0.81 24.36 21.77
CA THR B 79 -1.01 24.53 20.34
C THR B 79 -2.35 25.21 20.09
N ARG B 80 -3.42 24.68 20.68
CA ARG B 80 -4.72 25.30 20.50
C ARG B 80 -4.76 26.75 21.09
N LEU B 81 -4.26 26.93 22.31
CA LEU B 81 -4.32 28.24 22.93
C LEU B 81 -3.43 29.23 22.20
N SER B 82 -2.29 28.80 21.67
CA SER B 82 -1.43 29.76 20.99
C SER B 82 -1.99 30.12 19.61
N PHE B 83 -2.62 29.15 18.93
CA PHE B 83 -3.30 29.48 17.68
C PHE B 83 -4.49 30.41 17.98
N GLU B 84 -5.19 30.12 19.06
CA GLU B 84 -6.33 30.96 19.41
C GLU B 84 -5.87 32.39 19.78
N LYS B 85 -4.85 32.52 20.62
CA LYS B 85 -4.47 33.82 21.15
C LYS B 85 -3.78 34.61 20.04
N ALA B 86 -2.95 33.94 19.26
CA ALA B 86 -2.38 34.52 18.05
C ALA B 86 -3.46 35.13 17.14
N ALA B 87 -4.52 34.37 16.88
CA ALA B 87 -5.58 34.86 16.01
C ALA B 87 -6.25 36.10 16.61
N ARG B 88 -6.59 36.01 17.87
CA ARG B 88 -7.33 37.07 18.53
C ARG B 88 -6.49 38.37 18.57
N GLU B 89 -5.18 38.23 18.79
CA GLU B 89 -4.35 39.41 18.86
C GLU B 89 -4.21 40.06 17.45
N LEU B 90 -4.46 39.29 16.39
CA LEU B 90 -4.51 39.84 15.05
C LEU B 90 -5.91 40.35 14.64
N GLY B 91 -6.89 40.30 15.55
CA GLY B 91 -8.25 40.68 15.19
C GLY B 91 -9.08 39.57 14.53
N ILE B 92 -8.53 38.36 14.44
CA ILE B 92 -9.28 37.25 13.84
C ILE B 92 -10.27 36.71 14.87
N GLU B 93 -11.56 36.62 14.53
CA GLU B 93 -12.55 35.98 15.42
C GLU B 93 -12.36 34.48 15.46
N THR B 94 -12.31 33.92 16.66
CA THR B 94 -12.01 32.51 16.82
C THR B 94 -13.18 31.73 17.39
N TYR B 95 -13.33 30.51 16.87
CA TYR B 95 -14.42 29.64 17.21
C TYR B 95 -13.78 28.30 17.47
N LEU B 96 -14.25 27.64 18.52
CA LEU B 96 -13.63 26.40 18.95
C LEU B 96 -14.59 25.23 18.82
N VAL B 97 -14.14 24.13 18.22
CA VAL B 97 -14.99 22.95 18.11
C VAL B 97 -14.16 21.74 18.53
N SER B 98 -14.62 21.00 19.52
CA SER B 98 -13.89 19.82 19.85
C SER B 98 -14.59 18.64 19.16
N GLY B 99 -13.82 17.71 18.60
CA GLY B 99 -14.39 16.59 17.81
C GLY B 99 -15.55 15.86 18.43
N SER B 100 -15.43 15.50 19.71
CA SER B 100 -16.45 14.64 20.30
C SER B 100 -17.70 15.45 20.71
N GLU B 101 -17.69 16.74 20.49
CA GLU B 101 -18.94 17.52 20.61
C GLU B 101 -19.53 17.91 19.25
N SER B 102 -18.82 17.56 18.19
CA SER B 102 -19.17 18.00 16.86
C SER B 102 -19.99 16.91 16.20
N SER B 103 -20.52 17.22 15.02
CA SER B 103 -21.32 16.26 14.25
C SER B 103 -20.48 15.14 13.58
N THR B 104 -19.16 15.19 13.71
CA THR B 104 -18.34 13.96 13.57
C THR B 104 -18.97 12.74 14.29
N VAL B 105 -19.54 12.97 15.48
CA VAL B 105 -20.16 11.90 16.27
C VAL B 105 -21.40 11.35 15.55
N LYS B 106 -22.04 12.18 14.69
CA LYS B 106 -23.15 11.69 13.87
C LYS B 106 -22.68 11.10 12.51
N GLY B 107 -21.36 11.04 12.28
CA GLY B 107 -20.86 10.38 11.08
C GLY B 107 -20.39 11.38 10.03
N GLU B 108 -20.30 12.67 10.38
CA GLU B 108 -19.85 13.63 9.40
C GLU B 108 -18.37 13.36 9.16
N SER B 109 -17.98 13.17 7.90
CA SER B 109 -16.60 12.86 7.54
C SER B 109 -15.78 14.11 7.72
N PHE B 110 -14.46 13.94 7.77
CA PHE B 110 -13.54 15.08 7.83
C PHE B 110 -13.78 16.07 6.69
N PHE B 111 -13.86 15.56 5.47
CA PHE B 111 -14.09 16.43 4.36
C PHE B 111 -15.37 17.25 4.50
N ASP B 112 -16.46 16.58 4.86
CA ASP B 112 -17.76 17.25 5.00
C ASP B 112 -17.78 18.30 6.12
N THR B 113 -17.02 18.05 7.18
CA THR B 113 -16.84 19.01 8.21
C THR B 113 -16.15 20.25 7.69
N LEU B 114 -15.08 20.10 6.93
CA LEU B 114 -14.38 21.23 6.35
C LEU B 114 -15.30 21.93 5.37
N LYS B 115 -16.03 21.18 4.55
CA LYS B 115 -16.95 21.78 3.62
C LYS B 115 -18.06 22.57 4.37
N THR B 116 -18.46 22.06 5.54
CA THR B 116 -19.38 22.75 6.41
C THR B 116 -18.79 24.08 6.88
N PHE B 117 -17.51 24.05 7.25
CA PHE B 117 -16.80 25.25 7.68
C PHE B 117 -16.77 26.26 6.53
N GLU B 118 -16.64 25.76 5.30
CA GLU B 118 -16.61 26.60 4.14
C GLU B 118 -17.98 27.24 3.94
N GLY B 119 -19.05 26.46 4.04
CA GLY B 119 -20.39 27.05 3.91
C GLY B 119 -20.69 28.10 5.00
N LEU B 120 -20.07 27.94 6.16
CA LEU B 120 -20.28 28.85 7.29
C LEU B 120 -19.41 30.10 7.18
N GLY B 121 -18.59 30.19 6.14
CA GLY B 121 -17.81 31.39 5.88
C GLY B 121 -16.51 31.51 6.65
N PHE B 122 -15.99 30.41 7.22
CA PHE B 122 -14.68 30.53 7.87
C PHE B 122 -13.53 30.83 6.91
N ASP B 123 -12.60 31.67 7.31
CA ASP B 123 -11.44 31.92 6.47
C ASP B 123 -10.36 30.88 6.74
N TYR B 124 -10.13 30.62 8.02
CA TYR B 124 -9.14 29.64 8.40
C TYR B 124 -9.80 28.49 9.15
N VAL B 125 -9.22 27.31 8.96
CA VAL B 125 -9.55 26.18 9.77
C VAL B 125 -8.24 25.64 10.32
N VAL B 126 -8.07 25.72 11.64
CA VAL B 126 -6.93 25.14 12.32
C VAL B 126 -7.41 23.81 12.88
N PHE B 127 -6.83 22.71 12.42
CA PHE B 127 -7.34 21.40 12.79
C PHE B 127 -6.28 20.49 13.40
N ARG B 128 -6.71 19.67 14.36
CA ARG B 128 -5.87 18.63 14.90
C ARG B 128 -6.71 17.36 14.89
N VAL B 129 -6.21 16.31 14.27
CA VAL B 129 -6.98 15.08 14.11
C VAL B 129 -6.12 13.84 14.43
N PRO B 130 -6.78 12.72 14.79
CA PRO B 130 -6.11 11.52 15.24
C PRO B 130 -5.71 10.58 14.09
N PHE B 131 -5.74 11.02 12.84
CA PHE B 131 -5.38 10.15 11.75
C PHE B 131 -4.44 10.94 10.85
N VAL B 132 -3.79 10.23 9.94
CA VAL B 132 -2.89 10.85 8.99
C VAL B 132 -3.68 11.42 7.80
N PHE B 133 -3.55 12.71 7.56
CA PHE B 133 -4.29 13.40 6.49
C PHE B 133 -3.38 13.37 5.23
N PHE B 134 -3.43 12.23 4.56
CA PHE B 134 -2.67 12.01 3.37
C PHE B 134 -3.44 11.02 2.48
N PRO B 135 -3.57 11.31 1.16
CA PRO B 135 -3.08 12.58 0.54
C PRO B 135 -3.96 13.76 0.91
N TYR B 136 -3.42 14.97 0.85
CA TYR B 136 -4.15 16.16 1.26
C TYR B 136 -4.30 17.21 0.14
N LYS B 137 -3.43 17.15 -0.87
CA LYS B 137 -3.39 18.20 -1.90
C LYS B 137 -4.68 18.42 -2.65
N GLU B 138 -5.30 17.35 -3.12
CA GLU B 138 -6.56 17.47 -3.86
C GLU B 138 -7.70 18.06 -3.00
N ILE B 139 -7.75 17.67 -1.74
CA ILE B 139 -8.78 18.15 -0.80
C ILE B 139 -8.56 19.63 -0.48
N VAL B 140 -7.31 19.99 -0.16
CA VAL B 140 -6.94 21.40 0.02
C VAL B 140 -7.35 22.25 -1.19
N LYS B 141 -6.93 21.78 -2.36
CA LYS B 141 -7.22 22.49 -3.60
C LYS B 141 -8.77 22.69 -3.81
N SER B 142 -9.58 21.76 -3.31
CA SER B 142 -11.01 21.80 -3.62
C SER B 142 -11.79 22.69 -2.66
N LEU B 143 -11.09 23.27 -1.68
CA LEU B 143 -11.77 24.01 -0.61
C LEU B 143 -11.41 25.48 -0.65
N ASN B 144 -12.39 26.33 -0.41
CA ASN B 144 -12.12 27.76 -0.37
C ASN B 144 -11.80 28.19 1.05
N LEU B 145 -10.71 27.63 1.58
CA LEU B 145 -10.40 27.76 3.00
C LEU B 145 -8.91 27.79 3.12
N ARG B 146 -8.43 28.43 4.20
CA ARG B 146 -7.03 28.36 4.58
C ARG B 146 -6.90 27.33 5.68
N LEU B 147 -6.40 26.15 5.32
CA LEU B 147 -6.26 25.04 6.27
C LEU B 147 -4.91 25.08 6.97
N VAL B 148 -4.91 24.92 8.29
CA VAL B 148 -3.67 24.93 9.04
C VAL B 148 -3.65 23.70 9.92
N ASN B 149 -2.68 22.82 9.64
CA ASN B 149 -2.54 21.56 10.33
C ASN B 149 -1.92 21.78 11.68
N ALA B 150 -2.72 21.54 12.73
CA ALA B 150 -2.20 21.66 14.09
C ALA B 150 -1.84 20.28 14.61
N GLY B 151 -1.83 19.28 13.73
CA GLY B 151 -1.36 17.97 14.10
C GLY B 151 -2.29 16.92 13.53
N ASP B 152 -1.75 16.01 12.71
CA ASP B 152 -2.55 14.97 12.13
C ASP B 152 -1.89 13.64 12.43
N GLY B 153 -2.35 12.99 13.49
CA GLY B 153 -1.83 11.68 13.87
C GLY B 153 -0.34 11.70 14.09
N THR B 154 0.35 10.77 13.41
CA THR B 154 1.77 10.67 13.54
C THR B 154 2.47 11.39 12.38
N HIS B 155 1.75 12.22 11.61
CA HIS B 155 2.25 12.73 10.34
C HIS B 155 2.93 14.11 10.47
N GLN B 156 2.16 15.19 10.57
CA GLN B 156 2.74 16.53 10.54
C GLN B 156 2.16 17.44 11.62
N HIS B 157 2.99 18.39 11.99
CA HIS B 157 2.65 19.43 12.96
C HIS B 157 3.52 20.64 12.56
N PRO B 158 3.24 21.24 11.40
CA PRO B 158 4.22 22.16 10.80
C PRO B 158 4.54 23.38 11.63
N SER B 159 3.54 23.91 12.32
CA SER B 159 3.78 25.07 13.16
C SER B 159 4.76 24.71 14.29
N GLN B 160 4.70 23.49 14.82
CA GLN B 160 5.68 23.13 15.84
C GLN B 160 7.09 23.03 15.23
N GLY B 161 7.22 22.52 14.01
CA GLY B 161 8.54 22.44 13.40
C GLY B 161 9.07 23.85 13.21
N LEU B 162 8.20 24.77 12.79
CA LEU B 162 8.58 26.18 12.62
C LEU B 162 8.99 26.81 13.95
N ILE B 163 8.24 26.51 15.00
CA ILE B 163 8.56 27.04 16.33
C ILE B 163 9.92 26.52 16.82
N ASP B 164 10.17 25.23 16.60
CA ASP B 164 11.41 24.61 17.01
C ASP B 164 12.61 25.18 16.22
N PHE B 165 12.48 25.30 14.91
CA PHE B 165 13.48 25.95 14.07
C PHE B 165 13.72 27.40 14.55
N PHE B 166 12.64 28.17 14.69
CA PHE B 166 12.76 29.58 15.10
C PHE B 166 13.47 29.68 16.44
N THR B 167 13.08 28.82 17.38
CA THR B 167 13.67 28.81 18.73
C THR B 167 15.17 28.52 18.72
N ILE B 168 15.57 27.51 17.93
CA ILE B 168 16.96 27.17 17.68
C ILE B 168 17.72 28.33 17.04
N LYS B 169 17.14 28.91 15.98
CA LYS B 169 17.70 30.06 15.30
C LYS B 169 17.84 31.32 16.17
N GLU B 170 16.82 31.64 16.96
CA GLU B 170 16.90 32.74 17.91
C GLU B 170 18.04 32.53 18.88
N HIS B 171 18.31 31.29 19.25
CA HIS B 171 19.36 31.03 20.24
C HIS B 171 20.76 31.17 19.62
N PHE B 172 21.00 30.46 18.54
CA PHE B 172 22.31 30.31 17.92
C PHE B 172 22.62 31.35 16.81
N GLY B 173 21.63 32.05 16.28
CA GLY B 173 21.91 32.96 15.16
C GLY B 173 21.60 32.33 13.83
N GLU B 174 22.08 31.10 13.61
CA GLU B 174 21.80 30.32 12.38
C GLU B 174 21.69 28.87 12.78
N VAL B 175 21.14 28.03 11.90
CA VAL B 175 21.02 26.62 12.17
C VAL B 175 21.99 25.79 11.34
N LYS B 176 22.55 26.38 10.31
CA LYS B 176 23.52 25.70 9.46
C LYS B 176 24.62 25.02 10.28
N ASP B 177 24.84 23.73 10.00
CA ASP B 177 25.88 22.93 10.64
C ASP B 177 25.69 22.67 12.13
N LEU B 178 24.58 23.14 12.68
CA LEU B 178 24.26 22.80 14.02
C LEU B 178 23.93 21.29 14.09
N ARG B 179 24.24 20.63 15.23
CA ARG B 179 23.92 19.21 15.44
C ARG B 179 22.73 19.10 16.39
N VAL B 180 21.61 18.68 15.83
CA VAL B 180 20.34 18.68 16.55
C VAL B 180 19.92 17.25 16.73
N LEU B 181 19.86 16.81 18.00
CA LEU B 181 19.47 15.46 18.34
C LEU B 181 18.02 15.38 18.85
N TYR B 182 17.20 14.57 18.20
CA TYR B 182 15.87 14.25 18.72
C TYR B 182 15.98 12.96 19.51
N VAL B 183 15.42 12.96 20.73
CA VAL B 183 15.44 11.75 21.53
C VAL B 183 14.06 11.24 21.82
N GLY B 184 13.85 9.95 21.55
CA GLY B 184 12.67 9.29 22.06
C GLY B 184 11.87 8.61 20.98
N ASP B 185 10.56 8.77 21.04
CA ASP B 185 9.62 8.08 20.14
C ASP B 185 9.59 8.80 18.80
N ILE B 186 10.59 8.55 17.96
CA ILE B 186 10.65 9.12 16.62
C ILE B 186 9.49 8.64 15.74
N LYS B 187 9.29 7.34 15.78
CA LYS B 187 8.33 6.66 14.92
C LYS B 187 6.96 7.33 14.94
N HIS B 188 6.51 7.74 16.14
CA HIS B 188 5.17 8.29 16.30
C HIS B 188 5.15 9.80 16.32
N SER B 189 6.25 10.46 15.91
CA SER B 189 6.39 11.90 16.16
C SER B 189 6.14 12.80 14.97
N ARG B 190 5.03 13.50 14.99
CA ARG B 190 4.75 14.51 13.97
C ARG B 190 5.64 15.74 14.21
N VAL B 191 6.09 15.94 15.46
CA VAL B 191 7.02 17.04 15.75
C VAL B 191 8.39 16.84 15.05
N PHE B 192 8.96 15.65 15.14
CA PHE B 192 10.14 15.29 14.40
C PHE B 192 9.92 15.48 12.89
N ARG B 193 8.80 15.00 12.36
CA ARG B 193 8.57 15.01 10.91
C ARG B 193 8.37 16.41 10.39
N SER B 194 7.90 17.35 11.22
CA SER B 194 7.79 18.74 10.81
C SER B 194 9.09 19.53 11.01
N GLY B 195 9.84 19.22 12.07
CA GLY B 195 11.06 19.99 12.38
C GLY B 195 12.25 19.56 11.56
N ALA B 196 12.47 18.26 11.43
CA ALA B 196 13.69 17.77 10.76
C ALA B 196 13.89 18.30 9.30
N PRO B 197 12.84 18.27 8.48
CA PRO B 197 13.00 18.73 7.10
C PRO B 197 13.35 20.22 7.03
N LEU B 198 12.84 21.01 7.97
CA LEU B 198 13.10 22.43 7.96
C LEU B 198 14.55 22.68 8.35
N LEU B 199 15.00 22.03 9.41
CA LEU B 199 16.36 22.13 9.82
C LEU B 199 17.28 21.67 8.72
N ASN B 200 17.00 20.50 8.11
CA ASN B 200 17.82 20.00 7.02
C ASN B 200 17.92 21.00 5.89
N MET B 201 16.79 21.60 5.57
CA MET B 201 16.71 22.43 4.40
C MET B 201 17.67 23.62 4.60
N PHE B 202 17.90 23.99 5.85
CA PHE B 202 18.81 25.10 6.11
C PHE B 202 20.18 24.63 6.60
N GLY B 203 20.53 23.38 6.31
CA GLY B 203 21.88 22.88 6.53
C GLY B 203 22.20 22.36 7.92
N ALA B 204 21.21 22.21 8.79
CA ALA B 204 21.46 21.58 10.09
C ALA B 204 21.67 20.10 9.93
N LYS B 205 22.28 19.48 10.95
CA LYS B 205 22.50 18.04 10.94
C LYS B 205 21.61 17.41 11.99
N ILE B 206 20.78 16.45 11.59
CA ILE B 206 19.84 15.81 12.51
C ILE B 206 20.36 14.48 13.00
N GLY B 207 20.20 14.24 14.29
CA GLY B 207 20.47 12.95 14.86
C GLY B 207 19.22 12.51 15.60
N VAL B 208 19.06 11.19 15.69
CA VAL B 208 18.00 10.63 16.47
C VAL B 208 18.60 9.61 17.42
N CYS B 209 17.99 9.52 18.60
CA CYS B 209 18.32 8.46 19.55
C CYS B 209 17.03 8.07 20.27
N GLY B 210 16.76 6.78 20.41
CA GLY B 210 15.63 6.35 21.23
C GLY B 210 15.61 4.83 21.29
N PRO B 211 14.58 4.25 21.95
CA PRO B 211 14.43 2.77 21.90
C PRO B 211 14.46 2.35 20.43
N LYS B 212 15.33 1.40 20.09
CA LYS B 212 15.42 0.95 18.70
C LYS B 212 14.05 0.55 18.12
N THR B 213 13.12 0.07 18.96
CA THR B 213 11.73 -0.24 18.53
C THR B 213 10.92 0.99 18.05
N LEU B 214 11.40 2.20 18.33
CA LEU B 214 10.66 3.45 18.04
C LEU B 214 11.44 4.33 17.07
N ILE B 215 12.48 3.79 16.45
CA ILE B 215 13.19 4.48 15.40
C ILE B 215 12.80 3.87 14.04
N PRO B 216 12.22 4.66 13.12
CA PRO B 216 11.83 4.05 11.80
C PRO B 216 13.01 3.40 11.11
N ARG B 217 12.82 2.24 10.50
CA ARG B 217 13.96 1.59 9.82
C ARG B 217 14.63 2.49 8.77
N ASP B 218 13.82 3.28 8.07
CA ASP B 218 14.38 4.13 7.03
C ASP B 218 14.34 5.59 7.43
N VAL B 219 14.58 5.84 8.71
CA VAL B 219 14.69 7.17 9.26
C VAL B 219 15.69 8.03 8.50
N GLU B 220 16.67 7.40 7.85
CA GLU B 220 17.65 8.15 7.05
C GLU B 220 17.03 8.84 5.82
N VAL B 221 15.75 8.57 5.55
CA VAL B 221 15.01 9.43 4.59
C VAL B 221 14.98 10.93 5.05
N PHE B 222 15.24 11.19 6.33
CA PHE B 222 15.43 12.53 6.86
C PHE B 222 16.93 12.90 6.99
N LYS B 223 17.82 12.12 6.37
CA LYS B 223 19.23 12.43 6.38
C LYS B 223 19.81 12.56 7.82
N VAL B 224 19.57 11.53 8.62
CA VAL B 224 19.72 11.60 10.05
C VAL B 224 20.86 10.66 10.42
N ASP B 225 21.65 10.95 11.45
CA ASP B 225 22.47 9.92 12.08
C ASP B 225 21.68 9.28 13.25
N VAL B 226 21.90 7.97 13.47
CA VAL B 226 21.22 7.22 14.51
C VAL B 226 22.18 6.93 15.64
N PHE B 227 21.85 7.33 16.87
CA PHE B 227 22.67 6.99 18.02
C PHE B 227 21.98 5.91 18.80
N ASP B 228 22.69 4.78 19.02
CA ASP B 228 22.20 3.75 19.93
C ASP B 228 22.20 4.22 21.37
N ASP B 229 23.14 5.10 21.69
CA ASP B 229 23.45 5.46 23.03
C ASP B 229 23.22 6.97 23.22
N VAL B 230 22.34 7.33 24.17
CA VAL B 230 21.95 8.73 24.36
C VAL B 230 23.10 9.64 24.87
N ASP B 231 24.05 9.05 25.58
CA ASP B 231 25.21 9.78 26.07
C ASP B 231 26.16 10.21 24.94
N LYS B 232 26.37 9.36 23.95
CA LYS B 232 27.07 9.77 22.73
C LYS B 232 26.32 10.82 21.95
N GLY B 233 25.00 10.65 21.86
CA GLY B 233 24.14 11.62 21.19
C GLY B 233 24.22 12.98 21.89
N ILE B 234 24.23 12.95 23.21
CA ILE B 234 24.23 14.18 23.99
C ILE B 234 25.59 14.87 23.82
N ASP B 235 26.68 14.10 23.70
CA ASP B 235 27.99 14.70 23.54
C ASP B 235 28.13 15.33 22.16
N TRP B 236 27.51 14.68 21.18
CA TRP B 236 27.45 15.14 19.81
C TRP B 236 26.58 16.39 19.64
N ALA B 237 25.44 16.44 20.34
CA ALA B 237 24.42 17.44 20.07
C ALA B 237 24.76 18.86 20.58
N ASP B 238 24.47 19.86 19.75
CA ASP B 238 24.45 21.26 20.21
C ASP B 238 23.17 21.55 20.94
N VAL B 239 22.11 20.88 20.52
CA VAL B 239 20.81 21.01 21.16
C VAL B 239 20.08 19.61 21.08
N VAL B 240 19.42 19.22 22.16
CA VAL B 240 18.69 17.96 22.19
C VAL B 240 17.21 18.28 22.37
N ILE B 241 16.37 17.71 21.52
CA ILE B 241 14.95 17.87 21.63
C ILE B 241 14.47 16.51 22.18
N TRP B 242 14.09 16.48 23.47
CA TRP B 242 13.35 15.32 23.99
C TRP B 242 11.90 15.31 23.46
N LEU B 243 11.44 14.12 23.14
CA LEU B 243 10.10 13.89 22.63
C LEU B 243 9.36 13.02 23.62
N ARG B 244 8.06 13.27 23.73
CA ARG B 244 7.23 12.47 24.63
C ARG B 244 6.91 11.14 23.93
N LEU B 245 6.90 10.09 24.71
CA LEU B 245 6.33 8.82 24.29
C LEU B 245 4.88 8.98 23.87
N GLN B 246 4.59 8.68 22.61
CA GLN B 246 3.22 8.82 22.11
C GLN B 246 2.35 7.61 22.49
N LYS B 247 2.10 7.44 23.78
CA LYS B 247 1.41 6.24 24.28
C LYS B 247 0.06 6.07 23.64
N GLU B 248 -0.64 7.20 23.40
CA GLU B 248 -2.00 7.14 22.90
C GLU B 248 -1.95 6.79 21.42
N ARG B 249 -0.77 6.79 20.80
CA ARG B 249 -0.68 6.42 19.39
C ARG B 249 -0.09 5.04 19.17
N GLN B 250 0.49 4.44 20.22
CA GLN B 250 1.24 3.20 20.09
C GLN B 250 0.29 2.02 20.08
N LYS B 251 0.46 1.17 19.08
CA LYS B 251 -0.47 0.08 18.87
C LYS B 251 -0.06 -1.18 19.61
N GLU B 252 1.11 -1.16 20.24
CA GLU B 252 1.57 -2.26 21.08
C GLU B 252 2.52 -1.66 22.10
N ASN B 253 3.00 -2.45 23.05
CA ASN B 253 4.02 -1.96 23.95
C ASN B 253 5.43 -2.07 23.37
N TYR B 254 6.15 -0.97 23.45
CA TYR B 254 7.44 -0.84 22.78
C TYR B 254 8.62 -0.78 23.71
N ILE B 255 8.31 -0.59 24.99
CA ILE B 255 9.35 -0.37 25.97
C ILE B 255 8.95 -1.13 27.22
N PRO B 256 9.91 -1.71 27.94
CA PRO B 256 9.51 -2.48 29.12
C PRO B 256 8.98 -1.63 30.27
N SER B 257 9.46 -0.38 30.39
CA SER B 257 8.97 0.50 31.47
C SER B 257 9.44 1.95 31.39
N GLU B 258 8.68 2.82 32.02
CA GLU B 258 8.89 4.26 31.93
C GLU B 258 10.09 4.65 32.73
N SER B 259 10.29 4.03 33.90
CA SER B 259 11.45 4.38 34.69
C SER B 259 12.75 3.85 34.08
N SER B 260 12.68 2.73 33.38
CA SER B 260 13.84 2.23 32.67
C SER B 260 14.13 3.10 31.43
N TYR B 261 13.09 3.47 30.71
CA TYR B 261 13.21 4.43 29.61
C TYR B 261 13.92 5.71 30.09
N PHE B 262 13.47 6.26 31.22
CA PHE B 262 14.09 7.46 31.77
C PHE B 262 15.60 7.27 32.02
N LYS B 263 15.96 6.14 32.63
CA LYS B 263 17.41 5.84 32.83
C LYS B 263 18.18 5.71 31.54
N GLN B 264 17.55 5.11 30.54
CA GLN B 264 18.26 4.87 29.28
C GLN B 264 18.28 6.12 28.37
N PHE B 265 17.22 6.92 28.38
CA PHE B 265 17.09 7.95 27.34
C PHE B 265 16.82 9.35 27.88
N GLY B 266 16.40 9.43 29.15
CA GLY B 266 15.89 10.67 29.68
C GLY B 266 17.00 11.65 30.05
N LEU B 267 16.64 12.93 30.17
CA LEU B 267 17.52 13.92 30.72
C LEU B 267 17.60 13.74 32.25
N THR B 268 18.53 12.92 32.67
CA THR B 268 18.78 12.72 34.10
C THR B 268 19.71 13.82 34.67
N LYS B 269 19.77 13.89 35.99
CA LYS B 269 20.71 14.82 36.64
C LYS B 269 22.15 14.62 36.21
N GLU B 270 22.58 13.37 36.10
CA GLU B 270 23.94 13.09 35.62
C GLU B 270 24.14 13.65 34.21
N ARG B 271 23.15 13.48 33.33
CA ARG B 271 23.29 13.93 31.95
C ARG B 271 23.25 15.46 31.85
N PHE B 272 22.62 16.10 32.83
CA PHE B 272 22.49 17.56 32.85
C PHE B 272 23.83 18.30 32.77
N GLU B 273 24.84 17.74 33.43
CA GLU B 273 26.20 18.30 33.41
C GLU B 273 26.75 18.36 32.00
N LYS B 274 26.36 17.38 31.18
CA LYS B 274 26.91 17.22 29.86
C LYS B 274 26.07 17.82 28.74
N VAL B 275 24.75 17.84 28.92
CA VAL B 275 23.89 18.43 27.92
C VAL B 275 24.22 19.91 27.73
N LYS B 276 24.27 20.36 26.48
CA LYS B 276 24.57 21.77 26.21
C LYS B 276 23.31 22.62 26.28
N LEU B 277 22.25 22.12 25.68
CA LEU B 277 21.04 22.88 25.50
C LEU B 277 19.94 21.88 25.16
N TYR B 278 18.70 22.18 25.56
CA TYR B 278 17.64 21.23 25.26
C TYR B 278 16.25 21.84 25.13
N MET B 279 15.39 21.05 24.49
CA MET B 279 14.06 21.44 24.08
C MET B 279 13.13 20.26 24.28
N HIS B 280 11.84 20.56 24.21
CA HIS B 280 10.79 19.56 24.33
C HIS B 280 9.50 20.28 23.90
N PRO B 281 8.82 19.78 22.85
CA PRO B 281 7.63 20.48 22.29
C PRO B 281 6.47 20.53 23.28
N GLY B 282 6.53 19.64 24.29
CA GLY B 282 5.52 19.62 25.34
C GLY B 282 4.36 18.70 25.00
N PRO B 283 3.62 18.26 26.02
CA PRO B 283 3.99 18.45 27.43
C PRO B 283 5.08 17.52 27.85
N VAL B 284 5.87 17.94 28.86
CA VAL B 284 6.91 17.05 29.41
C VAL B 284 6.27 16.02 30.35
N ASN B 285 6.73 14.77 30.26
CA ASN B 285 6.44 13.83 31.30
C ASN B 285 7.64 13.79 32.21
N ARG B 286 7.49 14.37 33.39
CA ARG B 286 8.60 14.46 34.33
C ARG B 286 9.04 13.07 34.77
N ASN B 287 10.37 12.87 34.84
CA ASN B 287 10.96 11.59 35.24
C ASN B 287 10.67 10.46 34.26
N VAL B 288 10.25 10.84 33.05
CA VAL B 288 10.20 9.93 31.91
C VAL B 288 11.08 10.53 30.80
N ASP B 289 10.80 11.75 30.39
CA ASP B 289 11.60 12.47 29.40
C ASP B 289 12.75 13.21 30.08
N ILE B 290 12.39 13.99 31.10
CA ILE B 290 13.25 14.99 31.72
C ILE B 290 13.06 14.91 33.21
N ASP B 291 14.17 14.93 33.92
CA ASP B 291 14.13 14.92 35.37
C ASP B 291 13.24 16.05 35.89
N HIS B 292 12.51 15.72 36.93
CA HIS B 292 11.56 16.62 37.58
C HIS B 292 12.16 18.03 37.84
N GLU B 293 13.45 18.09 38.12
CA GLU B 293 14.09 19.36 38.45
C GLU B 293 14.70 20.09 37.27
N LEU B 294 14.60 19.50 36.08
CA LEU B 294 15.36 20.02 34.97
C LEU B 294 14.52 20.63 33.87
N VAL B 295 13.26 20.92 34.16
CA VAL B 295 12.41 21.37 33.09
C VAL B 295 12.70 22.84 32.73
N TYR B 296 13.00 23.65 33.73
CA TYR B 296 13.15 25.09 33.55
C TYR B 296 14.53 25.65 33.93
N THR B 297 15.58 25.06 33.40
CA THR B 297 16.90 25.51 33.82
C THR B 297 17.42 26.53 32.82
N GLU B 298 18.62 27.03 33.07
CA GLU B 298 19.29 27.94 32.15
C GLU B 298 19.72 27.25 30.86
N LYS B 299 19.68 25.92 30.84
CA LYS B 299 20.01 25.21 29.63
C LYS B 299 18.77 24.80 28.85
N SER B 300 17.60 25.09 29.40
CA SER B 300 16.34 24.66 28.79
C SER B 300 15.74 25.78 27.95
N LEU B 301 15.42 25.48 26.70
CA LEU B 301 14.63 26.37 25.84
C LEU B 301 13.13 25.99 25.80
N ILE B 302 12.72 25.09 26.68
CA ILE B 302 11.35 24.61 26.68
C ILE B 302 10.34 25.76 26.79
N GLN B 303 10.56 26.66 27.75
CA GLN B 303 9.61 27.76 27.97
C GLN B 303 9.72 28.71 26.76
N GLU B 304 10.92 28.82 26.21
CA GLU B 304 11.12 29.65 25.05
C GLU B 304 10.29 29.11 23.86
N GLN B 305 10.19 27.80 23.72
CA GLN B 305 9.32 27.25 22.65
C GLN B 305 7.87 27.71 22.86
N VAL B 306 7.40 27.66 24.11
CA VAL B 306 6.05 28.09 24.43
C VAL B 306 5.83 29.56 24.04
N LYS B 307 6.76 30.41 24.46
CA LYS B 307 6.71 31.86 24.19
C LYS B 307 6.80 32.17 22.72
N ASN B 308 7.42 31.26 21.96
CA ASN B 308 7.55 31.50 20.51
C ASN B 308 6.33 31.05 19.75
N GLY B 309 5.48 30.27 20.40
CA GLY B 309 4.23 29.75 19.82
C GLY B 309 3.38 30.81 19.17
N ILE B 310 3.03 31.85 19.92
CA ILE B 310 2.15 32.86 19.40
C ILE B 310 2.75 33.65 18.25
N PRO B 311 3.99 34.15 18.41
CA PRO B 311 4.52 34.87 17.26
C PRO B 311 4.67 34.04 15.98
N VAL B 312 5.06 32.77 16.09
CA VAL B 312 5.17 31.92 14.91
C VAL B 312 3.78 31.63 14.32
N ARG B 313 2.80 31.40 15.19
CA ARG B 313 1.46 31.10 14.71
C ARG B 313 0.79 32.34 14.13
N LYS B 314 0.99 33.53 14.73
CA LYS B 314 0.62 34.79 14.04
C LYS B 314 1.23 34.85 12.63
N ALA B 315 2.53 34.59 12.53
CA ALA B 315 3.26 34.63 11.24
C ALA B 315 2.59 33.73 10.20
N ILE B 316 2.10 32.57 10.66
CA ILE B 316 1.41 31.62 9.79
C ILE B 316 0.06 32.17 9.33
N TYR B 317 -0.77 32.69 10.22
CA TYR B 317 -2.01 33.31 9.76
C TYR B 317 -1.65 34.37 8.70
N LYS B 318 -0.61 35.14 8.98
CA LYS B 318 -0.31 36.26 8.11
C LYS B 318 0.21 35.74 6.78
N PHE B 319 1.11 34.77 6.85
CA PHE B 319 1.64 34.16 5.66
C PHE B 319 0.53 33.58 4.80
N LEU B 320 -0.56 33.11 5.39
CA LEU B 320 -1.60 32.53 4.60
C LEU B 320 -2.68 33.54 4.18
N TRP B 321 -2.61 34.78 4.67
CA TRP B 321 -3.63 35.77 4.32
C TRP B 321 -3.44 36.25 2.86
N THR B 322 -3.89 35.42 1.93
CA THR B 322 -3.50 35.44 0.49
C THR B 322 -2.07 34.93 0.25
ZN ZN C . -6.10 -11.81 -3.12
O2 DOR D . -4.32 -5.66 -1.33
C2 DOR D . -4.98 -6.64 -1.04
N1 DOR D . -6.36 -6.69 -1.37
N3 DOR D . -4.37 -7.67 -0.28
C4 DOR D . -5.09 -8.80 0.17
O4 DOR D . -4.46 -9.63 0.84
C5 DOR D . -6.59 -8.97 -0.15
C6 DOR D . -7.15 -7.93 -1.18
C7 DOR D . -8.64 -7.74 -1.19
O72 DOR D . -9.09 -6.55 -1.27
O71 DOR D . -9.30 -8.80 -1.20
P PAL E . -0.21 20.49 22.97
O1P PAL E . -0.74 19.09 22.81
O2P PAL E . -0.33 20.93 24.43
O3P PAL E . -0.83 21.45 21.99
C1P PAL E . 1.56 20.56 22.63
C1 PAL E . 1.90 19.82 21.35
O1 PAL E . 1.56 20.32 20.28
N2 PAL E . 2.54 18.65 21.51
C2 PAL E . 3.05 17.84 20.43
C4 PAL E . 1.97 17.13 19.63
O2 PAL E . 2.36 16.33 18.76
O3 PAL E . 0.72 17.31 19.82
C3 PAL E . 4.05 16.82 20.95
C5 PAL E . 3.44 15.80 21.88
O4 PAL E . 2.21 15.82 22.07
O5 PAL E . 4.19 14.96 22.43
P PO4 F . 26.16 5.09 19.04
O1 PO4 F . 25.40 5.84 20.07
O2 PO4 F . 26.93 6.06 18.14
O3 PO4 F . 27.09 4.19 19.85
O4 PO4 F . 25.32 4.28 18.05
BA BA G . -16.15 17.90 26.81
BA BA H . -15.65 21.38 26.10
BA BA I . 5.11 26.03 -1.11
C1 EDO J . -20.15 -28.03 4.98
O1 EDO J . -19.37 -26.82 5.01
C2 EDO J . -20.74 -28.20 3.58
O2 EDO J . -20.51 -27.02 2.83
C1 EDO K . 7.07 22.10 29.80
O1 EDO K . 6.44 22.83 28.74
C2 EDO K . 5.98 21.51 30.69
O2 EDO K . 5.14 20.59 29.96
C1 EDO L . -14.92 23.41 22.62
O1 EDO L . -14.55 22.14 23.08
C2 EDO L . -16.26 23.37 21.93
O2 EDO L . -16.51 22.15 21.23
C1 EDO M . -4.33 8.11 18.25
O1 EDO M . -4.23 8.12 16.81
C2 EDO M . -5.45 9.04 18.69
O2 EDO M . -4.88 10.16 19.37
C1 EDO N . 28.41 8.03 14.31
O1 EDO N . 28.68 8.38 12.95
C2 EDO N . 27.00 8.49 14.67
O2 EDO N . 26.40 7.49 15.49
C1 EDO O . 2.59 25.59 0.89
O1 EDO O . 2.58 25.04 2.22
C2 EDO O . 2.17 27.03 1.00
O2 EDO O . 1.90 27.26 2.38
C1 EDO P . -19.05 -23.45 7.75
O1 EDO P . -19.21 -22.45 8.76
C2 EDO P . -20.25 -23.35 6.82
O2 EDO P . -20.50 -21.98 6.43
C1 EDO Q . 16.66 31.66 -0.06
O1 EDO Q . 17.23 31.09 1.12
C2 EDO Q . 17.34 31.02 -1.27
O2 EDO Q . 17.32 29.59 -1.13
C1 EDO R . 24.68 2.39 15.28
O1 EDO R . 25.45 3.51 14.85
C2 EDO R . 23.21 2.78 15.24
O2 EDO R . 22.64 2.32 14.01
C1 EDO S . 18.90 -10.08 1.06
O1 EDO S . 18.30 -11.37 1.27
C2 EDO S . 17.84 -9.00 0.93
O2 EDO S . 17.46 -8.52 2.23
C1 EDO T . 22.37 4.73 26.49
O1 EDO T . 21.27 5.57 26.11
C2 EDO T . 23.24 5.28 27.60
O2 EDO T . 23.07 4.41 28.72
C1 EDO U . 3.94 15.92 2.26
O1 EDO U . 4.15 15.22 1.01
C2 EDO U . 4.42 14.90 3.27
O2 EDO U . 4.19 15.27 4.60
#